data_8K7J
#
_entry.id   8K7J
#
_cell.length_a   90.677
_cell.length_b   90.677
_cell.length_c   216.331
_cell.angle_alpha   90.000
_cell.angle_beta   90.000
_cell.angle_gamma   120.000
#
_symmetry.space_group_name_H-M   'P 32 2 1'
#
loop_
_entity.id
_entity.type
_entity.pdbx_description
1 polymer 'Alpha-galactosidase A'
2 branched alpha-D-mannopyranose-(1-3)-beta-D-mannopyranose-(1-4)-2-acetamido-2-deoxy-beta-D-glucopyranose-(1-4)-2-acetamido-2-deoxy-beta-D-glucopyranose
3 branched 2-acetamido-2-deoxy-beta-D-glucopyranose-(1-4)-2-acetamido-2-deoxy-beta-D-glucopyranose
4 non-polymer 2-acetamido-2-deoxy-beta-D-glucopyranose
5 non-polymer (2~{R},3~{R},4~{S},5~{R})-2-[(dimethylamino)methyl]-5-(hydroxymethyl)pyrrolidine-3,4-diol
6 non-polymer 'SULFATE ION'
7 non-polymer 'HEXAETHYLENE GLYCOL'
8 water water
#
_entity_poly.entity_id   1
_entity_poly.type   'polypeptide(L)'
_entity_poly.pdbx_seq_one_letter_code
;LDNGLARTPTMGWLHWERFMCNLDCQEEPDSCISEKLFMEMAELMVSEGWKDAGYEYLCIDDCWMAPQRDSEGRLQADPQ
RFPHGIRQLANYVHSKGLKLGIYADVGNKTCAGFPGSFGYYDIDAQTFADWGVDLLKFDGCYCDSLENLADGYKHMSLAL
NRTGRSIVYSCEWPLYMWPFQKPNYTEIRQYCNHWRNFADIDDSWKSIKSILDWTSFNQERIVDVAGPGGWNDPDMLVIG
NFGLSWNQQVTQMALWAIMAAPLFMSNDLRHISPQAKALLQDKDVIAINQDPLGKQGYQLRQGDNFEVWERPLSGLAWAV
AMINRQEIGGPRSYTIAVASLGKGVACNPACFITQLLPVKRKLGFYEWTSRLRSHINPTGTVLLQLENTMQMSLKDLL
;
_entity_poly.pdbx_strand_id   A,B
#
loop_
_chem_comp.id
_chem_comp.type
_chem_comp.name
_chem_comp.formula
BMA D-saccharide, beta linking beta-D-mannopyranose 'C6 H12 O6'
MAN D-saccharide, alpha linking alpha-D-mannopyranose 'C6 H12 O6'
NAG D-saccharide, beta linking 2-acetamido-2-deoxy-beta-D-glucopyranose 'C8 H15 N O6'
P6G non-polymer 'HEXAETHYLENE GLYCOL' 'C12 H26 O7'
SO4 non-polymer 'SULFATE ION' 'O4 S -2'
VNB non-polymer (2~{R},3~{R},4~{S},5~{R})-2-[(dimethylamino)methyl]-5-(hydroxymethyl)pyrrolidine-3,4-diol 'C8 H18 N2 O3'
#
# COMPACT_ATOMS: atom_id res chain seq x y z
N LEU A 1 -12.31 -12.18 -30.84
CA LEU A 1 -13.67 -12.51 -31.28
C LEU A 1 -14.20 -11.46 -32.26
N ASP A 2 -14.54 -11.89 -33.47
CA ASP A 2 -14.98 -10.95 -34.51
C ASP A 2 -16.50 -10.77 -34.47
N ASN A 3 -16.97 -10.10 -33.43
CA ASN A 3 -18.38 -9.74 -33.30
C ASN A 3 -18.58 -8.23 -33.39
N GLY A 4 -17.56 -7.49 -33.83
CA GLY A 4 -17.64 -6.05 -33.92
C GLY A 4 -17.55 -5.31 -32.61
N LEU A 5 -17.36 -6.01 -31.49
CA LEU A 5 -17.30 -5.38 -30.18
C LEU A 5 -15.87 -5.35 -29.66
N ALA A 6 -15.66 -4.53 -28.64
CA ALA A 6 -14.35 -4.43 -27.99
C ALA A 6 -13.26 -4.10 -29.01
N ARG A 7 -13.59 -3.19 -29.94
CA ARG A 7 -12.59 -2.74 -30.90
C ARG A 7 -11.49 -1.96 -30.19
N THR A 8 -11.81 -1.34 -29.07
CA THR A 8 -10.85 -0.89 -28.07
C THR A 8 -11.18 -1.63 -26.78
N PRO A 9 -10.26 -1.71 -25.83
CA PRO A 9 -10.56 -2.44 -24.58
C PRO A 9 -11.83 -1.92 -23.92
N THR A 10 -12.68 -2.85 -23.49
CA THR A 10 -13.94 -2.51 -22.85
C THR A 10 -13.69 -1.77 -21.54
N MET A 11 -14.52 -0.76 -21.25
CA MET A 11 -14.45 0.01 -20.01
C MET A 11 -15.77 -0.06 -19.27
N GLY A 12 -15.68 -0.15 -17.95
CA GLY A 12 -16.88 -0.22 -17.14
C GLY A 12 -16.63 -0.39 -15.65
N TRP A 13 -17.59 -0.99 -14.97
CA TRP A 13 -17.56 -1.18 -13.52
C TRP A 13 -18.08 -2.58 -13.23
N LEU A 14 -17.47 -3.24 -12.25
CA LEU A 14 -17.79 -4.64 -11.92
C LEU A 14 -17.76 -4.76 -10.40
N HIS A 15 -18.75 -5.43 -9.81
CA HIS A 15 -18.93 -5.29 -8.36
C HIS A 15 -17.98 -6.16 -7.54
N TRP A 16 -17.28 -7.14 -8.14
CA TRP A 16 -16.77 -8.27 -7.35
C TRP A 16 -15.76 -7.85 -6.29
N GLU A 17 -14.67 -7.16 -6.67
CA GLU A 17 -13.59 -6.92 -5.73
C GLU A 17 -14.09 -6.15 -4.51
N ARG A 18 -14.87 -5.10 -4.73
CA ARG A 18 -15.28 -4.25 -3.61
C ARG A 18 -16.45 -4.86 -2.83
N PHE A 19 -17.39 -5.52 -3.51
CA PHE A 19 -18.63 -5.94 -2.84
C PHE A 19 -18.80 -7.45 -2.70
N MET A 20 -18.10 -8.25 -3.49
CA MET A 20 -17.94 -9.72 -3.29
C MET A 20 -19.31 -10.40 -3.29
N CYS A 21 -19.54 -11.36 -2.41
CA CYS A 21 -20.78 -12.12 -2.41
C CYS A 21 -21.59 -11.78 -1.17
N ASN A 22 -21.80 -10.49 -0.92
CA ASN A 22 -22.51 -10.04 0.27
C ASN A 22 -24.01 -10.19 0.05
N LEU A 23 -24.62 -11.17 0.72
CA LEU A 23 -26.04 -11.46 0.58
C LEU A 23 -26.86 -10.95 1.76
N ASP A 24 -26.25 -10.25 2.71
CA ASP A 24 -26.92 -9.86 3.95
C ASP A 24 -27.51 -8.46 3.81
N CYS A 25 -28.65 -8.40 3.12
CA CYS A 25 -29.34 -7.13 2.95
C CYS A 25 -30.08 -6.69 4.22
N GLN A 26 -30.21 -7.57 5.21
CA GLN A 26 -30.85 -7.18 6.47
C GLN A 26 -29.90 -6.34 7.31
N GLU A 27 -28.65 -6.79 7.44
CA GLU A 27 -27.64 -6.09 8.21
C GLU A 27 -26.80 -5.12 7.38
N GLU A 28 -26.68 -5.36 6.07
CA GLU A 28 -25.85 -4.54 5.18
C GLU A 28 -26.63 -4.14 3.94
N PRO A 29 -27.73 -3.39 4.09
CA PRO A 29 -28.55 -3.08 2.91
C PRO A 29 -27.83 -2.25 1.85
N ASP A 30 -26.90 -1.39 2.22
CA ASP A 30 -26.22 -0.54 1.24
C ASP A 30 -25.01 -1.20 0.57
N SER A 31 -24.66 -2.43 0.92
CA SER A 31 -23.51 -3.07 0.29
C SER A 31 -23.82 -4.49 -0.18
N CYS A 32 -25.05 -4.97 0.00
CA CYS A 32 -25.39 -6.32 -0.43
C CYS A 32 -25.65 -6.31 -1.94
N ILE A 33 -25.48 -7.49 -2.54
CA ILE A 33 -25.61 -7.61 -3.99
C ILE A 33 -27.09 -7.53 -4.35
N SER A 34 -27.51 -6.35 -4.82
CA SER A 34 -28.93 -6.09 -5.01
C SER A 34 -29.15 -5.18 -6.21
N GLU A 35 -30.38 -5.21 -6.70
CA GLU A 35 -30.76 -4.33 -7.80
C GLU A 35 -30.55 -2.86 -7.44
N LYS A 36 -30.76 -2.49 -6.17
CA LYS A 36 -30.56 -1.10 -5.75
C LYS A 36 -29.10 -0.66 -5.86
N LEU A 37 -28.17 -1.55 -5.49
CA LEU A 37 -26.75 -1.25 -5.60
C LEU A 37 -26.39 -0.88 -7.04
N PHE A 38 -26.83 -1.70 -8.00
CA PHE A 38 -26.52 -1.46 -9.40
C PHE A 38 -27.22 -0.23 -9.95
N MET A 39 -28.44 0.06 -9.48
CA MET A 39 -29.10 1.29 -9.89
C MET A 39 -28.32 2.51 -9.41
N GLU A 40 -27.89 2.49 -8.15
CA GLU A 40 -27.12 3.62 -7.62
C GLU A 40 -25.83 3.81 -8.40
N MET A 41 -25.14 2.71 -8.72
CA MET A 41 -23.91 2.82 -9.51
C MET A 41 -24.19 3.38 -10.89
N ALA A 42 -25.29 2.96 -11.52
CA ALA A 42 -25.64 3.47 -12.84
C ALA A 42 -25.87 4.98 -12.78
N GLU A 43 -26.64 5.42 -11.77
CA GLU A 43 -26.91 6.84 -11.60
C GLU A 43 -25.62 7.64 -11.47
N LEU A 44 -24.70 7.15 -10.64
CA LEU A 44 -23.44 7.86 -10.45
C LEU A 44 -22.52 7.77 -11.68
N MET A 45 -22.55 6.65 -12.40
CA MET A 45 -21.77 6.56 -13.64
C MET A 45 -22.18 7.67 -14.59
N VAL A 46 -23.47 7.98 -14.64
CA VAL A 46 -23.90 9.13 -15.46
C VAL A 46 -23.49 10.44 -14.78
N SER A 47 -23.93 10.65 -13.53
CA SER A 47 -23.87 11.99 -12.95
C SER A 47 -22.44 12.42 -12.59
N GLU A 48 -21.55 11.47 -12.26
CA GLU A 48 -20.20 11.83 -11.82
C GLU A 48 -19.16 11.77 -12.95
N GLY A 49 -19.61 11.71 -14.21
CA GLY A 49 -18.69 11.82 -15.34
C GLY A 49 -18.06 10.52 -15.83
N TRP A 50 -18.38 9.38 -15.22
CA TRP A 50 -17.75 8.12 -15.61
C TRP A 50 -18.08 7.73 -17.05
N LYS A 51 -19.37 7.79 -17.41
CA LYS A 51 -19.79 7.50 -18.78
C LYS A 51 -19.10 8.42 -19.79
N ASP A 52 -19.00 9.70 -19.47
CA ASP A 52 -18.30 10.64 -20.35
C ASP A 52 -16.83 10.27 -20.52
N ALA A 53 -16.22 9.74 -19.46
CA ALA A 53 -14.82 9.33 -19.56
C ALA A 53 -14.67 8.05 -20.38
N GLY A 54 -15.75 7.28 -20.56
CA GLY A 54 -15.69 6.09 -21.38
C GLY A 54 -16.18 4.83 -20.67
N TYR A 55 -16.40 4.91 -19.35
CA TYR A 55 -16.86 3.74 -18.60
C TYR A 55 -18.34 3.53 -18.88
N GLU A 56 -18.65 2.47 -19.62
CA GLU A 56 -19.97 2.28 -20.19
C GLU A 56 -20.67 0.99 -19.77
N TYR A 57 -19.93 -0.04 -19.35
CA TYR A 57 -20.50 -1.33 -18.99
C TYR A 57 -20.64 -1.45 -17.48
N LEU A 58 -21.87 -1.51 -16.99
CA LEU A 58 -22.18 -1.75 -15.59
C LEU A 58 -22.43 -3.25 -15.42
N CYS A 59 -21.56 -3.93 -14.67
CA CYS A 59 -21.48 -5.39 -14.73
C CYS A 59 -21.77 -6.04 -13.38
N ILE A 60 -22.62 -7.06 -13.41
CA ILE A 60 -22.90 -7.91 -12.27
C ILE A 60 -21.94 -9.09 -12.28
N ASP A 61 -21.34 -9.40 -11.14
CA ASP A 61 -20.51 -10.59 -11.01
C ASP A 61 -21.32 -11.70 -10.37
N ASP A 62 -20.66 -12.63 -9.67
CA ASP A 62 -21.34 -13.78 -9.08
C ASP A 62 -22.33 -13.32 -8.01
N CYS A 63 -23.21 -14.25 -7.61
CA CYS A 63 -24.15 -14.07 -6.50
C CYS A 63 -25.31 -13.15 -6.84
N TRP A 64 -25.77 -13.17 -8.08
CA TRP A 64 -27.01 -12.51 -8.44
C TRP A 64 -28.18 -13.48 -8.61
N MET A 65 -27.89 -14.79 -8.69
CA MET A 65 -28.86 -15.80 -9.08
C MET A 65 -29.70 -16.26 -7.90
N ALA A 66 -30.92 -16.68 -8.20
CA ALA A 66 -31.69 -17.50 -7.28
C ALA A 66 -31.01 -18.85 -7.09
N PRO A 67 -31.26 -19.54 -5.97
CA PRO A 67 -30.56 -20.82 -5.71
C PRO A 67 -30.83 -21.89 -6.74
N GLN A 68 -31.92 -21.80 -7.50
CA GLN A 68 -32.24 -22.85 -8.46
C GLN A 68 -32.88 -22.24 -9.69
N ARG A 69 -32.84 -23.00 -10.78
CA ARG A 69 -33.47 -22.57 -12.02
C ARG A 69 -34.99 -22.58 -11.86
N ASP A 70 -35.67 -21.91 -12.78
CA ASP A 70 -37.12 -21.90 -12.72
C ASP A 70 -37.66 -23.23 -13.26
N SER A 71 -38.98 -23.33 -13.33
CA SER A 71 -39.62 -24.56 -13.80
C SER A 71 -39.25 -24.86 -15.24
N GLU A 72 -39.00 -23.83 -16.04
CA GLU A 72 -38.69 -23.98 -17.45
C GLU A 72 -37.19 -24.16 -17.69
N GLY A 73 -36.41 -24.40 -16.63
CA GLY A 73 -34.99 -24.66 -16.74
C GLY A 73 -34.11 -23.44 -16.94
N ARG A 74 -34.65 -22.23 -16.76
CA ARG A 74 -33.92 -21.00 -16.98
C ARG A 74 -33.39 -20.43 -15.67
N LEU A 75 -32.26 -19.72 -15.77
CA LEU A 75 -31.72 -18.98 -14.64
C LEU A 75 -32.68 -17.87 -14.24
N GLN A 76 -32.72 -17.58 -12.95
CA GLN A 76 -33.50 -16.47 -12.43
C GLN A 76 -32.66 -15.67 -11.44
N ALA A 77 -32.89 -14.38 -11.42
CA ALA A 77 -32.26 -13.52 -10.43
C ALA A 77 -32.90 -13.77 -9.07
N ASP A 78 -32.16 -13.48 -8.01
CA ASP A 78 -32.70 -13.71 -6.68
C ASP A 78 -33.97 -12.89 -6.49
N PRO A 79 -35.09 -13.50 -6.08
CA PRO A 79 -36.36 -12.75 -6.03
C PRO A 79 -36.35 -11.62 -5.00
N GLN A 80 -35.61 -11.77 -3.90
CA GLN A 80 -35.58 -10.73 -2.88
C GLN A 80 -34.62 -9.60 -3.22
N ARG A 81 -33.44 -9.92 -3.74
CA ARG A 81 -32.43 -8.91 -4.01
C ARG A 81 -32.55 -8.27 -5.38
N PHE A 82 -33.15 -8.98 -6.33
CA PHE A 82 -33.42 -8.46 -7.67
C PHE A 82 -34.91 -8.61 -7.98
N PRO A 83 -35.78 -7.92 -7.24
CA PRO A 83 -37.22 -8.19 -7.35
C PRO A 83 -37.82 -7.88 -8.72
N HIS A 84 -37.28 -6.92 -9.46
CA HIS A 84 -37.84 -6.61 -10.77
C HIS A 84 -37.18 -7.40 -11.89
N GLY A 85 -36.13 -8.16 -11.61
CA GLY A 85 -35.57 -9.02 -12.61
C GLY A 85 -34.53 -8.32 -13.47
N ILE A 86 -33.71 -9.14 -14.14
CA ILE A 86 -32.57 -8.60 -14.89
C ILE A 86 -33.06 -7.80 -16.10
N ARG A 87 -34.08 -8.27 -16.81
CA ARG A 87 -34.51 -7.54 -18.00
C ARG A 87 -34.88 -6.09 -17.63
N GLN A 88 -35.61 -5.92 -16.53
CA GLN A 88 -35.99 -4.59 -16.08
C GLN A 88 -34.76 -3.77 -15.67
N LEU A 89 -33.84 -4.39 -14.94
CA LEU A 89 -32.61 -3.67 -14.60
C LEU A 89 -31.87 -3.20 -15.84
N ALA A 90 -31.79 -4.08 -16.85
CA ALA A 90 -31.14 -3.75 -18.10
C ALA A 90 -31.87 -2.61 -18.82
N ASN A 91 -33.20 -2.62 -18.78
CA ASN A 91 -33.95 -1.50 -19.36
C ASN A 91 -33.55 -0.19 -18.71
N TYR A 92 -33.47 -0.19 -17.37
CA TYR A 92 -33.05 1.02 -16.66
C TYR A 92 -31.64 1.45 -17.05
N VAL A 93 -30.71 0.50 -17.07
CA VAL A 93 -29.32 0.81 -17.40
C VAL A 93 -29.22 1.37 -18.81
N HIS A 94 -29.95 0.78 -19.76
CA HIS A 94 -29.98 1.29 -21.14
C HIS A 94 -30.57 2.69 -21.21
N SER A 95 -31.60 2.97 -20.39
CA SER A 95 -32.17 4.31 -20.40
C SER A 95 -31.15 5.37 -19.99
N LYS A 96 -30.15 4.98 -19.20
CA LYS A 96 -29.07 5.88 -18.82
C LYS A 96 -27.98 5.97 -19.89
N GLY A 97 -28.12 5.24 -20.99
CA GLY A 97 -27.05 5.23 -21.98
C GLY A 97 -25.94 4.27 -21.68
N LEU A 98 -26.17 3.32 -20.78
CA LEU A 98 -25.14 2.37 -20.37
C LEU A 98 -25.49 0.99 -20.88
N LYS A 99 -24.56 0.07 -20.68
CA LYS A 99 -24.74 -1.32 -21.03
C LYS A 99 -24.60 -2.19 -19.79
N LEU A 100 -25.30 -3.31 -19.78
CA LEU A 100 -25.34 -4.19 -18.61
C LEU A 100 -24.55 -5.45 -18.87
N GLY A 101 -23.67 -5.80 -17.92
CA GLY A 101 -22.96 -7.07 -17.95
C GLY A 101 -23.47 -7.99 -16.87
N ILE A 102 -23.38 -9.30 -17.14
CA ILE A 102 -23.83 -10.32 -16.19
C ILE A 102 -22.78 -11.43 -16.12
N TYR A 103 -22.98 -12.38 -15.22
CA TYR A 103 -22.00 -13.41 -14.88
C TYR A 103 -22.63 -14.79 -14.98
N ALA A 104 -21.87 -15.76 -15.48
CA ALA A 104 -22.26 -17.17 -15.49
C ALA A 104 -21.00 -18.02 -15.42
N ASP A 105 -21.18 -19.33 -15.29
CA ASP A 105 -20.05 -20.25 -15.11
C ASP A 105 -20.19 -21.42 -16.07
N VAL A 106 -19.05 -21.80 -16.67
CA VAL A 106 -19.03 -22.86 -17.69
C VAL A 106 -19.32 -24.22 -17.08
N GLY A 107 -19.12 -24.39 -15.78
CA GLY A 107 -19.25 -25.67 -15.13
C GLY A 107 -20.62 -25.89 -14.50
N ASN A 108 -20.66 -26.79 -13.53
CA ASN A 108 -21.91 -27.18 -12.92
C ASN A 108 -22.39 -26.20 -11.85
N LYS A 109 -21.51 -25.35 -11.33
CA LYS A 109 -21.87 -24.33 -10.36
C LYS A 109 -20.99 -23.11 -10.60
N THR A 110 -21.48 -21.94 -10.18
CA THR A 110 -20.61 -20.78 -10.11
C THR A 110 -19.61 -20.96 -8.97
N CYS A 111 -18.55 -20.14 -8.98
CA CYS A 111 -17.53 -20.30 -7.94
C CYS A 111 -18.13 -20.13 -6.55
N ALA A 112 -19.20 -19.33 -6.43
CA ALA A 112 -19.87 -19.17 -5.14
C ALA A 112 -20.95 -20.22 -4.89
N GLY A 113 -21.15 -21.16 -5.81
CA GLY A 113 -22.07 -22.27 -5.58
C GLY A 113 -23.47 -22.11 -6.14
N PHE A 114 -23.72 -21.13 -6.99
CA PHE A 114 -25.01 -20.92 -7.62
C PHE A 114 -25.09 -21.68 -8.95
N PRO A 115 -26.27 -21.76 -9.58
CA PRO A 115 -26.42 -22.62 -10.76
C PRO A 115 -25.39 -22.34 -11.86
N GLY A 116 -24.68 -23.41 -12.26
CA GLY A 116 -23.79 -23.32 -13.40
C GLY A 116 -24.54 -23.50 -14.71
N SER A 117 -23.83 -23.29 -15.83
CA SER A 117 -24.46 -23.29 -17.14
C SER A 117 -24.18 -24.54 -17.97
N PHE A 118 -23.37 -25.47 -17.44
CA PHE A 118 -23.11 -26.71 -18.16
C PHE A 118 -24.43 -27.44 -18.41
N GLY A 119 -24.63 -27.87 -19.65
CA GLY A 119 -25.88 -28.47 -20.05
C GLY A 119 -26.98 -27.48 -20.39
N TYR A 120 -26.73 -26.19 -20.22
CA TYR A 120 -27.72 -25.14 -20.44
C TYR A 120 -27.16 -23.98 -21.27
N TYR A 121 -26.09 -24.21 -22.03
CA TYR A 121 -25.41 -23.11 -22.71
C TYR A 121 -26.35 -22.35 -23.63
N ASP A 122 -27.11 -23.05 -24.46
CA ASP A 122 -27.96 -22.38 -25.43
C ASP A 122 -29.12 -21.65 -24.74
N ILE A 123 -29.77 -22.30 -23.78
CA ILE A 123 -30.88 -21.64 -23.10
C ILE A 123 -30.39 -20.45 -22.30
N ASP A 124 -29.20 -20.57 -21.67
CA ASP A 124 -28.67 -19.43 -20.93
C ASP A 124 -28.31 -18.28 -21.85
N ALA A 125 -27.69 -18.57 -23.00
CA ALA A 125 -27.37 -17.50 -23.95
C ALA A 125 -28.63 -16.79 -24.42
N GLN A 126 -29.66 -17.55 -24.79
CA GLN A 126 -30.90 -16.94 -25.26
C GLN A 126 -31.62 -16.18 -24.14
N THR A 127 -31.55 -16.69 -22.91
CA THR A 127 -32.11 -15.97 -21.78
C THR A 127 -31.42 -14.62 -21.62
N PHE A 128 -30.08 -14.61 -21.62
CA PHE A 128 -29.34 -13.36 -21.49
C PHE A 128 -29.69 -12.39 -22.61
N ALA A 129 -29.82 -12.91 -23.84
CA ALA A 129 -30.17 -12.03 -24.96
C ALA A 129 -31.58 -11.45 -24.80
N ASP A 130 -32.54 -12.29 -24.39
CA ASP A 130 -33.90 -11.81 -24.15
C ASP A 130 -33.91 -10.75 -23.06
N TRP A 131 -33.07 -10.92 -22.03
CA TRP A 131 -33.00 -9.96 -20.94
C TRP A 131 -32.41 -8.62 -21.37
N GLY A 132 -31.71 -8.57 -22.49
CA GLY A 132 -31.07 -7.34 -22.88
C GLY A 132 -29.63 -7.22 -22.40
N VAL A 133 -29.01 -8.33 -21.99
CA VAL A 133 -27.63 -8.34 -21.53
C VAL A 133 -26.68 -7.93 -22.64
N ASP A 134 -25.68 -7.11 -22.31
CA ASP A 134 -24.71 -6.63 -23.30
C ASP A 134 -23.31 -7.19 -23.11
N LEU A 135 -23.05 -7.91 -22.02
CA LEU A 135 -21.74 -8.46 -21.75
C LEU A 135 -21.90 -9.68 -20.85
N LEU A 136 -21.08 -10.71 -21.09
CA LEU A 136 -21.07 -11.88 -20.24
C LEU A 136 -19.65 -12.18 -19.77
N LYS A 137 -19.46 -12.21 -18.45
CA LYS A 137 -18.26 -12.76 -17.84
C LYS A 137 -18.55 -14.21 -17.48
N PHE A 138 -17.75 -15.12 -18.06
CA PHE A 138 -18.01 -16.56 -18.01
C PHE A 138 -16.88 -17.23 -17.21
N ASP A 139 -17.21 -17.67 -15.99
CA ASP A 139 -16.23 -18.18 -15.04
C ASP A 139 -15.98 -19.67 -15.27
N GLY A 140 -14.95 -20.20 -14.59
CA GLY A 140 -14.49 -21.55 -14.89
C GLY A 140 -14.54 -22.57 -13.77
N CYS A 141 -15.21 -22.27 -12.65
CA CYS A 141 -15.25 -23.20 -11.53
C CYS A 141 -16.12 -24.42 -11.82
N TYR A 142 -15.83 -25.52 -11.11
CA TYR A 142 -16.67 -26.72 -11.10
C TYR A 142 -16.79 -27.30 -12.51
N CYS A 143 -15.65 -27.40 -13.18
CA CYS A 143 -15.53 -28.01 -14.48
C CYS A 143 -14.53 -29.16 -14.34
N ASP A 144 -14.98 -30.38 -14.65
CA ASP A 144 -14.21 -31.55 -14.27
C ASP A 144 -13.17 -31.97 -15.29
N SER A 145 -13.07 -31.29 -16.45
CA SER A 145 -12.09 -31.70 -17.44
C SER A 145 -11.73 -30.53 -18.34
N LEU A 146 -10.49 -30.57 -18.84
CA LEU A 146 -10.04 -29.59 -19.82
C LEU A 146 -10.91 -29.62 -21.07
N GLU A 147 -11.34 -30.81 -21.48
CA GLU A 147 -12.20 -30.91 -22.67
C GLU A 147 -13.55 -30.26 -22.41
N ASN A 148 -14.16 -30.51 -21.25
CA ASN A 148 -15.40 -29.80 -20.90
C ASN A 148 -15.18 -28.29 -20.84
N LEU A 149 -14.03 -27.87 -20.30
CA LEU A 149 -13.72 -26.44 -20.24
C LEU A 149 -13.72 -25.81 -21.63
N ALA A 150 -12.88 -26.35 -22.52
CA ALA A 150 -12.78 -25.79 -23.87
C ALA A 150 -14.10 -25.88 -24.61
N ASP A 151 -14.75 -27.06 -24.54
CA ASP A 151 -16.03 -27.23 -25.22
C ASP A 151 -17.06 -26.24 -24.71
N GLY A 152 -17.11 -26.01 -23.39
CA GLY A 152 -18.06 -25.07 -22.84
C GLY A 152 -17.81 -23.64 -23.27
N TYR A 153 -16.55 -23.20 -23.23
CA TYR A 153 -16.27 -21.83 -23.64
C TYR A 153 -16.61 -21.62 -25.11
N LYS A 154 -16.22 -22.58 -25.98
CA LYS A 154 -16.54 -22.46 -27.40
C LYS A 154 -18.05 -22.52 -27.65
N HIS A 155 -18.73 -23.45 -26.98
CA HIS A 155 -20.17 -23.62 -27.15
C HIS A 155 -20.91 -22.35 -26.75
N MET A 156 -20.53 -21.76 -25.61
CA MET A 156 -21.19 -20.52 -25.19
C MET A 156 -20.90 -19.39 -26.16
N SER A 157 -19.67 -19.32 -26.68
CA SER A 157 -19.37 -18.30 -27.69
C SER A 157 -20.32 -18.44 -28.89
N LEU A 158 -20.47 -19.66 -29.38
CA LEU A 158 -21.34 -19.89 -30.54
C LEU A 158 -22.80 -19.57 -30.22
N ALA A 159 -23.25 -19.96 -29.03
CA ALA A 159 -24.64 -19.71 -28.63
C ALA A 159 -24.92 -18.22 -28.54
N LEU A 160 -24.01 -17.46 -27.94
CA LEU A 160 -24.16 -16.01 -27.92
C LEU A 160 -24.25 -15.44 -29.32
N ASN A 161 -23.37 -15.90 -30.22
CA ASN A 161 -23.48 -15.43 -31.61
C ASN A 161 -24.85 -15.74 -32.20
N ARG A 162 -25.36 -16.94 -31.95
CA ARG A 162 -26.64 -17.36 -32.55
C ARG A 162 -27.83 -16.60 -32.00
N THR A 163 -27.75 -16.02 -30.80
CA THR A 163 -28.87 -15.19 -30.35
C THR A 163 -29.10 -13.99 -31.26
N GLY A 164 -28.08 -13.54 -31.98
CA GLY A 164 -28.18 -12.34 -32.78
C GLY A 164 -27.99 -11.04 -32.03
N ARG A 165 -27.83 -11.07 -30.72
CA ARG A 165 -27.57 -9.85 -29.96
C ARG A 165 -26.06 -9.70 -29.76
N SER A 166 -25.57 -8.46 -29.92
CA SER A 166 -24.17 -8.14 -29.68
C SER A 166 -23.87 -8.23 -28.18
N ILE A 167 -23.05 -9.20 -27.76
CA ILE A 167 -22.73 -9.39 -26.34
C ILE A 167 -21.22 -9.55 -26.21
N VAL A 168 -20.57 -8.66 -25.45
CA VAL A 168 -19.16 -8.82 -25.14
C VAL A 168 -18.97 -10.10 -24.35
N TYR A 169 -18.00 -10.91 -24.76
CA TYR A 169 -17.79 -12.23 -24.18
C TYR A 169 -16.44 -12.25 -23.47
N SER A 170 -16.48 -12.30 -22.16
CA SER A 170 -15.28 -12.25 -21.32
C SER A 170 -15.07 -13.63 -20.73
N CYS A 171 -13.91 -14.24 -21.01
CA CYS A 171 -13.63 -15.64 -20.67
C CYS A 171 -12.54 -15.74 -19.60
N GLU A 172 -12.72 -16.67 -18.67
CA GLU A 172 -11.67 -17.03 -17.71
C GLU A 172 -10.89 -18.26 -18.16
N TRP A 173 -11.13 -18.72 -19.38
CA TRP A 173 -10.61 -19.94 -20.01
C TRP A 173 -9.11 -20.17 -19.82
N PRO A 174 -8.23 -19.25 -20.23
CA PRO A 174 -6.79 -19.55 -20.12
C PRO A 174 -6.34 -19.79 -18.70
N LEU A 175 -6.85 -18.98 -17.76
CA LEU A 175 -6.51 -19.13 -16.34
C LEU A 175 -6.81 -20.53 -15.83
N TYR A 176 -7.96 -21.08 -16.19
CA TYR A 176 -8.30 -22.40 -15.71
C TYR A 176 -7.59 -23.50 -16.49
N MET A 177 -7.05 -23.18 -17.68
CA MET A 177 -6.24 -24.18 -18.37
C MET A 177 -4.79 -24.25 -17.88
N TRP A 178 -4.24 -23.12 -17.46
CA TRP A 178 -2.79 -22.98 -17.27
C TRP A 178 -2.15 -24.07 -16.41
N PRO A 179 -2.67 -24.44 -15.24
CA PRO A 179 -1.95 -25.44 -14.42
C PRO A 179 -1.79 -26.80 -15.08
N PHE A 180 -2.44 -27.04 -16.21
CA PHE A 180 -2.48 -28.34 -16.85
C PHE A 180 -1.95 -28.34 -18.27
N GLN A 181 -2.18 -27.26 -19.02
CA GLN A 181 -1.79 -27.24 -20.41
C GLN A 181 -1.67 -25.79 -20.83
N LYS A 182 -0.75 -25.53 -21.73
CA LYS A 182 -0.58 -24.15 -22.14
C LYS A 182 -1.71 -23.75 -23.08
N PRO A 183 -2.23 -22.53 -22.94
CA PRO A 183 -3.35 -22.13 -23.79
C PRO A 183 -2.88 -21.82 -25.21
N ASN A 184 -3.76 -22.11 -26.16
CA ASN A 184 -3.57 -21.70 -27.55
C ASN A 184 -4.36 -20.41 -27.73
N TYR A 185 -3.64 -19.29 -27.73
CA TYR A 185 -4.31 -17.99 -27.71
C TYR A 185 -4.91 -17.63 -29.06
N THR A 186 -4.44 -18.23 -30.17
CA THR A 186 -5.12 -18.04 -31.45
C THR A 186 -6.56 -18.52 -31.35
N GLU A 187 -6.74 -19.71 -30.81
CA GLU A 187 -8.07 -20.28 -30.61
C GLU A 187 -8.89 -19.45 -29.63
N ILE A 188 -8.32 -19.17 -28.44
CA ILE A 188 -9.05 -18.38 -27.44
C ILE A 188 -9.52 -17.06 -28.05
N ARG A 189 -8.64 -16.38 -28.78
CA ARG A 189 -9.01 -15.11 -29.39
C ARG A 189 -10.13 -15.30 -30.40
N GLN A 190 -10.11 -16.41 -31.13
CA GLN A 190 -11.23 -16.69 -32.03
C GLN A 190 -12.56 -16.74 -31.28
N TYR A 191 -12.56 -17.18 -30.01
CA TYR A 191 -13.86 -17.31 -29.34
C TYR A 191 -14.21 -16.22 -28.32
N CYS A 192 -13.25 -15.40 -27.88
CA CYS A 192 -13.45 -14.51 -26.73
C CYS A 192 -13.03 -13.08 -27.05
N ASN A 193 -13.77 -12.09 -26.50
CA ASN A 193 -13.39 -10.68 -26.58
C ASN A 193 -12.31 -10.32 -25.55
N HIS A 194 -12.38 -10.87 -24.34
CA HIS A 194 -11.30 -10.76 -23.35
C HIS A 194 -11.03 -12.13 -22.75
N TRP A 195 -9.82 -12.30 -22.24
CA TRP A 195 -9.51 -13.56 -21.57
C TRP A 195 -8.60 -13.30 -20.38
N ARG A 196 -8.95 -13.89 -19.25
CA ARG A 196 -8.12 -13.77 -18.06
C ARG A 196 -6.99 -14.79 -18.07
N ASN A 197 -5.76 -14.33 -17.81
CA ASN A 197 -4.59 -15.21 -17.78
C ASN A 197 -4.17 -15.58 -16.36
N PHE A 198 -4.40 -14.73 -15.36
CA PHE A 198 -3.70 -14.84 -14.09
C PHE A 198 -4.71 -14.71 -12.94
N ALA A 199 -4.24 -14.97 -11.72
CA ALA A 199 -5.13 -15.08 -10.58
C ALA A 199 -5.81 -13.74 -10.27
N ASP A 200 -6.85 -13.81 -9.43
CA ASP A 200 -7.67 -12.65 -9.11
C ASP A 200 -6.85 -11.55 -8.46
N ILE A 201 -7.17 -10.31 -8.84
CA ILE A 201 -6.62 -9.16 -8.14
C ILE A 201 -7.32 -9.00 -6.79
N ASP A 202 -6.62 -8.43 -5.83
CA ASP A 202 -7.32 -7.96 -4.64
C ASP A 202 -6.85 -6.55 -4.30
N ASP A 203 -7.15 -6.08 -3.09
CA ASP A 203 -6.88 -4.69 -2.73
C ASP A 203 -5.49 -4.57 -2.10
N SER A 204 -4.47 -4.86 -2.91
CA SER A 204 -3.09 -4.86 -2.40
C SER A 204 -2.10 -4.60 -3.52
N TRP A 205 -1.03 -3.92 -3.14
CA TRP A 205 0.11 -3.74 -4.04
C TRP A 205 0.74 -5.07 -4.43
N LYS A 206 0.76 -6.03 -3.50
CA LYS A 206 1.31 -7.35 -3.81
C LYS A 206 0.60 -7.98 -5.01
N SER A 207 -0.73 -7.87 -5.08
CA SER A 207 -1.47 -8.43 -6.20
C SER A 207 -1.12 -7.73 -7.50
N ILE A 208 -0.95 -6.40 -7.45
CA ILE A 208 -0.56 -5.66 -8.66
C ILE A 208 0.78 -6.17 -9.16
N LYS A 209 1.76 -6.25 -8.26
CA LYS A 209 3.10 -6.71 -8.63
C LYS A 209 3.06 -8.11 -9.22
N SER A 210 2.27 -9.01 -8.61
CA SER A 210 2.21 -10.37 -9.15
C SER A 210 1.63 -10.36 -10.57
N ILE A 211 0.57 -9.58 -10.80
CA ILE A 211 -0.02 -9.52 -12.16
C ILE A 211 0.98 -8.95 -13.16
N LEU A 212 1.70 -7.89 -12.78
CA LEU A 212 2.67 -7.31 -13.71
C LEU A 212 3.80 -8.30 -14.01
N ASP A 213 4.29 -9.00 -12.97
CA ASP A 213 5.40 -9.95 -13.15
C ASP A 213 4.98 -11.14 -14.00
N TRP A 214 3.76 -11.65 -13.80
CA TRP A 214 3.30 -12.74 -14.67
C TRP A 214 3.15 -12.26 -16.10
N THR A 215 2.67 -11.03 -16.29
CA THR A 215 2.49 -10.52 -17.64
C THR A 215 3.83 -10.39 -18.34
N SER A 216 4.84 -9.78 -17.68
CA SER A 216 6.14 -9.61 -18.31
C SER A 216 6.82 -10.96 -18.51
N PHE A 217 6.64 -11.89 -17.58
CA PHE A 217 7.25 -13.22 -17.73
C PHE A 217 6.68 -13.94 -18.95
N ASN A 218 5.39 -13.76 -19.23
CA ASN A 218 4.72 -14.49 -20.31
C ASN A 218 4.53 -13.63 -21.56
N GLN A 219 5.22 -12.50 -21.67
CA GLN A 219 4.80 -11.54 -22.70
C GLN A 219 5.05 -12.07 -24.10
N GLU A 220 6.03 -12.96 -24.30
CA GLU A 220 6.24 -13.54 -25.63
C GLU A 220 5.03 -14.34 -26.07
N ARG A 221 4.25 -14.87 -25.15
CA ARG A 221 3.11 -15.70 -25.52
C ARG A 221 1.84 -14.91 -25.72
N ILE A 222 1.69 -13.76 -25.06
CA ILE A 222 0.37 -13.14 -25.00
C ILE A 222 0.31 -11.75 -25.63
N VAL A 223 1.43 -11.06 -25.82
CA VAL A 223 1.36 -9.66 -26.24
C VAL A 223 0.86 -9.54 -27.68
N ASP A 224 1.39 -10.36 -28.59
CA ASP A 224 1.06 -10.16 -30.01
C ASP A 224 -0.34 -10.62 -30.38
N VAL A 225 -0.96 -11.50 -29.60
CA VAL A 225 -2.29 -11.96 -29.95
C VAL A 225 -3.35 -10.89 -29.65
N ALA A 226 -3.05 -9.94 -28.77
CA ALA A 226 -4.04 -8.94 -28.39
C ALA A 226 -4.19 -7.91 -29.51
N GLY A 227 -5.41 -7.40 -29.62
CA GLY A 227 -5.71 -6.42 -30.64
C GLY A 227 -7.21 -6.21 -30.68
N PRO A 228 -7.67 -5.30 -31.55
CA PRO A 228 -9.10 -4.99 -31.62
C PRO A 228 -9.96 -6.24 -31.70
N GLY A 229 -10.92 -6.34 -30.79
CA GLY A 229 -11.80 -7.49 -30.71
C GLY A 229 -11.37 -8.55 -29.71
N GLY A 230 -10.13 -8.49 -29.20
CA GLY A 230 -9.62 -9.52 -28.33
C GLY A 230 -8.47 -9.06 -27.45
N TRP A 231 -8.67 -9.03 -26.13
CA TRP A 231 -7.71 -8.42 -25.23
C TRP A 231 -7.29 -9.38 -24.10
N ASN A 232 -6.04 -9.22 -23.65
CA ASN A 232 -5.64 -9.84 -22.40
C ASN A 232 -6.29 -9.08 -21.24
N ASP A 233 -6.83 -9.82 -20.27
CA ASP A 233 -7.52 -9.25 -19.12
C ASP A 233 -6.70 -9.46 -17.86
N PRO A 234 -6.05 -8.43 -17.32
CA PRO A 234 -5.28 -8.57 -16.06
C PRO A 234 -6.10 -8.30 -14.82
N ASP A 235 -7.43 -8.31 -14.96
CA ASP A 235 -8.45 -8.17 -13.91
C ASP A 235 -8.70 -6.70 -13.56
N MET A 236 -9.54 -6.47 -12.54
CA MET A 236 -10.18 -5.18 -12.29
C MET A 236 -9.18 -4.12 -11.84
N LEU A 237 -9.54 -2.86 -12.14
CA LEU A 237 -8.91 -1.72 -11.48
C LEU A 237 -9.41 -1.64 -10.04
N VAL A 238 -8.51 -1.50 -9.07
CA VAL A 238 -8.93 -1.41 -7.67
C VAL A 238 -8.62 -0.05 -7.07
N ILE A 239 -8.29 0.93 -7.93
CA ILE A 239 -8.12 2.32 -7.51
C ILE A 239 -9.41 2.81 -6.88
N GLY A 240 -9.27 3.57 -5.78
CA GLY A 240 -10.40 4.12 -5.07
C GLY A 240 -10.82 3.34 -3.84
N ASN A 241 -10.16 2.24 -3.55
CA ASN A 241 -10.52 1.38 -2.41
C ASN A 241 -9.54 1.68 -1.26
N PHE A 242 -8.93 0.68 -0.63
CA PHE A 242 -8.29 0.87 0.66
C PHE A 242 -6.82 0.46 0.72
N GLY A 243 -6.36 -0.40 -0.19
CA GLY A 243 -5.07 -1.03 0.01
C GLY A 243 -3.89 -0.46 -0.76
N LEU A 244 -4.12 0.49 -1.64
CA LEU A 244 -3.08 1.03 -2.51
C LEU A 244 -2.73 2.45 -2.08
N SER A 245 -1.44 2.72 -1.95
CA SER A 245 -1.03 4.10 -1.84
C SER A 245 -1.28 4.83 -3.16
N TRP A 246 -1.19 6.17 -3.11
CA TRP A 246 -1.37 6.96 -4.33
C TRP A 246 -0.43 6.51 -5.46
N ASN A 247 0.86 6.30 -5.14
CA ASN A 247 1.79 5.91 -6.21
C ASN A 247 1.48 4.52 -6.74
N GLN A 248 0.95 3.62 -5.90
CA GLN A 248 0.56 2.30 -6.39
C GLN A 248 -0.68 2.37 -7.27
N GLN A 249 -1.62 3.28 -6.95
CA GLN A 249 -2.74 3.55 -7.84
C GLN A 249 -2.26 4.07 -9.19
N VAL A 250 -1.32 5.03 -9.18
CA VAL A 250 -0.75 5.54 -10.43
C VAL A 250 -0.12 4.40 -11.23
N THR A 251 0.62 3.52 -10.56
CA THR A 251 1.22 2.39 -11.27
C THR A 251 0.15 1.52 -11.94
N GLN A 252 -0.94 1.20 -11.21
CA GLN A 252 -1.97 0.36 -11.83
C GLN A 252 -2.59 1.06 -13.05
N MET A 253 -2.97 2.33 -12.91
CA MET A 253 -3.60 3.04 -14.03
C MET A 253 -2.67 3.08 -15.24
N ALA A 254 -1.41 3.50 -15.01
CA ALA A 254 -0.45 3.59 -16.11
C ALA A 254 -0.24 2.25 -16.79
N LEU A 255 -0.06 1.17 -16.01
CA LEU A 255 0.29 -0.09 -16.66
C LEU A 255 -0.92 -0.77 -17.28
N TRP A 256 -2.12 -0.56 -16.74
CA TRP A 256 -3.30 -1.06 -17.46
C TRP A 256 -3.48 -0.33 -18.79
N ALA A 257 -3.06 0.94 -18.87
CA ALA A 257 -3.04 1.61 -20.16
C ALA A 257 -1.98 1.02 -21.10
N ILE A 258 -0.78 0.78 -20.58
CA ILE A 258 0.29 0.18 -21.41
C ILE A 258 -0.15 -1.17 -21.95
N MET A 259 -0.87 -1.95 -21.13
CA MET A 259 -1.19 -3.33 -21.46
C MET A 259 -2.43 -3.47 -22.31
N ALA A 260 -3.06 -2.36 -22.73
CA ALA A 260 -4.32 -2.43 -23.48
C ALA A 260 -5.32 -3.31 -22.76
N ALA A 261 -5.41 -3.11 -21.45
CA ALA A 261 -6.28 -3.90 -20.60
C ALA A 261 -7.70 -3.35 -20.67
N PRO A 262 -8.71 -4.23 -20.59
CA PRO A 262 -10.04 -3.75 -20.24
C PRO A 262 -9.96 -3.03 -18.90
N LEU A 263 -10.71 -1.94 -18.78
CA LEU A 263 -10.67 -1.08 -17.60
C LEU A 263 -12.00 -1.25 -16.87
N PHE A 264 -12.07 -2.22 -15.95
CA PHE A 264 -13.26 -2.44 -15.15
C PHE A 264 -12.96 -2.03 -13.72
N MET A 265 -13.45 -0.85 -13.33
CA MET A 265 -13.32 -0.43 -11.94
C MET A 265 -14.11 -1.37 -11.03
N SER A 266 -13.57 -1.63 -9.85
CA SER A 266 -14.35 -2.30 -8.80
C SER A 266 -14.13 -1.49 -7.52
N ASN A 267 -15.07 -0.60 -7.24
CA ASN A 267 -14.94 0.33 -6.13
C ASN A 267 -16.36 0.76 -5.74
N ASP A 268 -16.47 1.75 -4.87
CA ASP A 268 -17.76 2.29 -4.47
C ASP A 268 -17.85 3.71 -5.03
N LEU A 269 -18.60 3.87 -6.12
CA LEU A 269 -18.75 5.18 -6.74
C LEU A 269 -19.44 6.19 -5.83
N ARG A 270 -20.13 5.71 -4.78
CA ARG A 270 -20.74 6.59 -3.78
C ARG A 270 -19.73 7.15 -2.80
N HIS A 271 -18.56 6.51 -2.65
CA HIS A 271 -17.54 6.93 -1.69
C HIS A 271 -16.18 6.74 -2.33
N ILE A 272 -15.75 7.75 -3.09
CA ILE A 272 -14.47 7.70 -3.77
C ILE A 272 -13.85 9.10 -3.72
N SER A 273 -12.56 9.15 -3.41
CA SER A 273 -11.87 10.41 -3.23
C SER A 273 -11.75 11.16 -4.55
N PRO A 274 -11.67 12.50 -4.50
CA PRO A 274 -11.43 13.27 -5.74
C PRO A 274 -10.14 12.88 -6.45
N GLN A 275 -9.12 12.52 -5.69
CA GLN A 275 -7.84 12.10 -6.29
C GLN A 275 -8.01 10.83 -7.11
N ALA A 276 -8.67 9.82 -6.50
CA ALA A 276 -8.89 8.56 -7.20
C ALA A 276 -9.77 8.76 -8.42
N LYS A 277 -10.80 9.61 -8.30
CA LYS A 277 -11.69 9.89 -9.43
C LYS A 277 -10.94 10.57 -10.58
N ALA A 278 -10.13 11.60 -10.27
CA ALA A 278 -9.39 12.28 -11.32
C ALA A 278 -8.39 11.34 -12.02
N LEU A 279 -7.75 10.44 -11.25
CA LEU A 279 -6.86 9.47 -11.88
C LEU A 279 -7.62 8.53 -12.80
N LEU A 280 -8.72 7.94 -12.29
CA LEU A 280 -9.51 6.99 -13.08
C LEU A 280 -10.15 7.64 -14.30
N GLN A 281 -10.39 8.95 -14.25
CA GLN A 281 -10.99 9.68 -15.36
C GLN A 281 -9.94 10.42 -16.18
N ASP A 282 -8.66 10.12 -15.98
CA ASP A 282 -7.60 10.85 -16.69
C ASP A 282 -7.73 10.70 -18.19
N LYS A 283 -8.06 11.81 -18.87
CA LYS A 283 -8.39 11.78 -20.29
C LYS A 283 -7.22 11.28 -21.13
N ASP A 284 -6.01 11.76 -20.85
CA ASP A 284 -4.85 11.38 -21.65
C ASP A 284 -4.46 9.92 -21.43
N VAL A 285 -4.55 9.45 -20.18
CA VAL A 285 -4.19 8.05 -19.90
C VAL A 285 -5.23 7.10 -20.49
N ILE A 286 -6.52 7.44 -20.35
CA ILE A 286 -7.56 6.65 -21.00
C ILE A 286 -7.35 6.64 -22.51
N ALA A 287 -6.99 7.80 -23.09
CA ALA A 287 -6.74 7.85 -24.52
C ALA A 287 -5.62 6.88 -24.92
N ILE A 288 -4.59 6.75 -24.08
CA ILE A 288 -3.58 5.74 -24.36
C ILE A 288 -4.18 4.34 -24.32
N ASN A 289 -4.92 4.02 -23.25
CA ASN A 289 -5.55 2.71 -23.17
C ASN A 289 -6.43 2.44 -24.38
N GLN A 290 -7.17 3.45 -24.83
CA GLN A 290 -8.15 3.31 -25.90
C GLN A 290 -7.57 3.58 -27.29
N ASP A 291 -6.25 3.60 -27.42
CA ASP A 291 -5.66 3.93 -28.72
C ASP A 291 -6.20 3.00 -29.80
N PRO A 292 -6.69 3.54 -30.93
CA PRO A 292 -7.38 2.69 -31.92
C PRO A 292 -6.51 1.65 -32.57
N LEU A 293 -5.18 1.84 -32.61
CA LEU A 293 -4.32 0.80 -33.15
C LEU A 293 -4.45 -0.50 -32.38
N GLY A 294 -4.62 -0.41 -31.05
CA GLY A 294 -4.86 -1.61 -30.27
C GLY A 294 -3.69 -2.58 -30.21
N LYS A 295 -2.46 -2.08 -30.19
CA LYS A 295 -1.27 -2.91 -30.04
C LYS A 295 -0.87 -2.89 -28.57
N GLN A 296 -0.88 -4.06 -27.93
CA GLN A 296 -0.51 -4.14 -26.52
C GLN A 296 0.97 -3.79 -26.32
N GLY A 297 1.26 -3.06 -25.24
CA GLY A 297 2.61 -2.76 -24.88
C GLY A 297 3.30 -3.93 -24.21
N TYR A 298 4.53 -3.68 -23.77
CA TYR A 298 5.38 -4.76 -23.28
C TYR A 298 6.46 -4.18 -22.40
N GLN A 299 7.10 -5.06 -21.62
CA GLN A 299 8.24 -4.66 -20.81
C GLN A 299 9.48 -4.62 -21.69
N LEU A 300 10.12 -3.45 -21.76
CA LEU A 300 11.32 -3.29 -22.56
C LEU A 300 12.55 -3.72 -21.77
N ARG A 301 12.66 -3.29 -20.52
CA ARG A 301 13.80 -3.73 -19.73
C ARG A 301 13.45 -3.79 -18.26
N GLN A 302 14.28 -4.51 -17.52
CA GLN A 302 14.17 -4.55 -16.07
C GLN A 302 15.56 -4.70 -15.48
N GLY A 303 15.80 -4.04 -14.35
CA GLY A 303 17.07 -4.15 -13.67
C GLY A 303 17.25 -3.02 -12.68
N ASP A 304 18.04 -3.26 -11.63
CA ASP A 304 18.26 -2.28 -10.58
C ASP A 304 16.94 -1.85 -9.94
N ASN A 305 16.01 -2.81 -9.84
CA ASN A 305 14.65 -2.58 -9.31
C ASN A 305 13.90 -1.49 -10.08
N PHE A 306 14.21 -1.35 -11.37
CA PHE A 306 13.46 -0.52 -12.30
C PHE A 306 12.86 -1.41 -13.38
N GLU A 307 11.74 -0.97 -13.93
CA GLU A 307 11.14 -1.57 -15.13
C GLU A 307 10.81 -0.46 -16.12
N VAL A 308 11.06 -0.72 -17.39
CA VAL A 308 10.63 0.15 -18.47
C VAL A 308 9.72 -0.65 -19.38
N TRP A 309 8.49 -0.16 -19.54
CA TRP A 309 7.51 -0.70 -20.46
C TRP A 309 7.22 0.34 -21.54
N GLU A 310 6.78 -0.13 -22.72
CA GLU A 310 6.40 0.81 -23.76
C GLU A 310 5.29 0.19 -24.60
N ARG A 311 4.54 1.06 -25.25
CA ARG A 311 3.42 0.68 -26.08
C ARG A 311 3.36 1.54 -27.35
N PRO A 312 3.35 0.91 -28.53
CA PRO A 312 3.21 1.70 -29.77
C PRO A 312 1.78 2.21 -29.92
N LEU A 313 1.66 3.47 -30.35
CA LEU A 313 0.35 4.09 -30.52
C LEU A 313 0.14 4.45 -31.99
N SER A 314 -1.09 4.89 -32.30
CA SER A 314 -1.40 5.38 -33.63
C SER A 314 -0.58 6.64 -33.93
N GLY A 315 -0.33 6.86 -35.22
CA GLY A 315 0.30 8.09 -35.68
C GLY A 315 1.71 8.34 -35.17
N LEU A 316 2.55 7.31 -35.12
CA LEU A 316 3.96 7.40 -34.75
C LEU A 316 4.21 7.78 -33.29
N ALA A 317 3.20 7.73 -32.45
CA ALA A 317 3.37 8.05 -31.04
C ALA A 317 3.64 6.77 -30.24
N TRP A 318 4.23 6.95 -29.05
CA TRP A 318 4.55 5.84 -28.17
C TRP A 318 4.25 6.26 -26.74
N ALA A 319 3.78 5.32 -25.93
CA ALA A 319 3.70 5.50 -24.47
C ALA A 319 4.85 4.74 -23.81
N VAL A 320 5.44 5.33 -22.77
CA VAL A 320 6.55 4.73 -22.03
C VAL A 320 6.29 4.85 -20.53
N ALA A 321 6.39 3.74 -19.80
CA ALA A 321 6.19 3.71 -18.36
C ALA A 321 7.47 3.26 -17.68
N MET A 322 7.85 3.96 -16.62
CA MET A 322 9.02 3.61 -15.82
C MET A 322 8.57 3.38 -14.39
N ILE A 323 8.79 2.17 -13.88
CA ILE A 323 8.36 1.74 -12.56
C ILE A 323 9.58 1.60 -11.66
N ASN A 324 9.44 2.10 -10.44
CA ASN A 324 10.43 1.92 -9.38
C ASN A 324 9.91 0.87 -8.41
N ARG A 325 10.52 -0.32 -8.45
CA ARG A 325 10.14 -1.45 -7.59
C ARG A 325 10.91 -1.48 -6.27
N GLN A 326 11.82 -0.54 -6.02
CA GLN A 326 12.50 -0.50 -4.73
C GLN A 326 11.59 0.14 -3.67
N GLU A 327 11.26 -0.61 -2.62
CA GLU A 327 10.26 -0.17 -1.65
C GLU A 327 10.87 0.39 -0.38
N ILE A 328 11.89 1.23 -0.55
CA ILE A 328 12.58 1.91 0.55
C ILE A 328 13.23 3.15 -0.03
N GLY A 329 13.43 4.16 0.80
CA GLY A 329 14.11 5.36 0.32
C GLY A 329 13.19 6.35 -0.35
N GLY A 330 13.77 7.13 -1.27
CA GLY A 330 13.03 8.20 -1.91
C GLY A 330 12.98 8.07 -3.42
N PRO A 331 12.54 9.12 -4.12
CA PRO A 331 12.46 9.06 -5.58
C PRO A 331 13.84 8.75 -6.15
N ARG A 332 13.89 7.79 -7.07
CA ARG A 332 15.13 7.27 -7.59
C ARG A 332 15.31 7.64 -9.05
N SER A 333 16.52 8.04 -9.41
CA SER A 333 16.79 8.50 -10.77
C SER A 333 16.96 7.32 -11.72
N TYR A 334 16.36 7.46 -12.90
CA TYR A 334 16.50 6.51 -13.99
C TYR A 334 16.71 7.29 -15.28
N THR A 335 17.71 6.88 -16.06
CA THR A 335 18.03 7.50 -17.33
C THR A 335 18.08 6.45 -18.43
N ILE A 336 17.63 6.85 -19.62
CA ILE A 336 17.63 5.93 -20.77
C ILE A 336 17.81 6.77 -22.03
N ALA A 337 18.56 6.23 -22.99
CA ALA A 337 18.69 6.88 -24.29
C ALA A 337 17.34 6.84 -25.01
N VAL A 338 16.89 7.98 -25.53
CA VAL A 338 15.61 7.95 -26.21
C VAL A 338 15.68 7.12 -27.49
N ALA A 339 16.88 6.94 -28.04
CA ALA A 339 17.05 6.04 -29.19
C ALA A 339 16.75 4.60 -28.83
N SER A 340 16.83 4.23 -27.56
CA SER A 340 16.45 2.90 -27.11
C SER A 340 14.93 2.71 -27.04
N LEU A 341 14.16 3.80 -27.11
CA LEU A 341 12.71 3.74 -26.95
C LEU A 341 12.02 3.62 -28.30
N GLY A 342 10.85 2.98 -28.28
CA GLY A 342 10.05 2.87 -29.48
C GLY A 342 10.76 2.19 -30.64
N LYS A 343 11.57 1.18 -30.34
CA LYS A 343 12.32 0.40 -31.33
C LYS A 343 13.24 1.26 -32.18
N GLY A 344 13.61 2.42 -31.64
CA GLY A 344 14.48 3.35 -32.33
C GLY A 344 13.79 4.29 -33.30
N VAL A 345 12.45 4.24 -33.43
CA VAL A 345 11.77 5.17 -34.32
C VAL A 345 11.04 6.28 -33.59
N ALA A 346 10.71 6.10 -32.31
CA ALA A 346 9.90 7.10 -31.61
C ALA A 346 10.52 8.49 -31.69
N CYS A 347 11.84 8.59 -31.49
CA CYS A 347 12.53 9.88 -31.41
C CYS A 347 13.57 10.06 -32.49
N ASN A 348 13.32 9.49 -33.66
CA ASN A 348 14.19 9.68 -34.81
C ASN A 348 13.40 10.47 -35.84
N PRO A 349 13.77 11.73 -36.14
CA PRO A 349 14.96 12.44 -35.67
C PRO A 349 14.83 13.07 -34.29
N ALA A 350 13.60 13.36 -33.86
CA ALA A 350 13.35 13.92 -32.55
C ALA A 350 11.94 13.54 -32.13
N CYS A 351 11.63 13.77 -30.86
CA CYS A 351 10.28 13.56 -30.34
C CYS A 351 9.97 14.64 -29.30
N PHE A 352 8.71 14.99 -29.20
CA PHE A 352 8.24 15.79 -28.06
C PHE A 352 7.69 14.85 -27.00
N ILE A 353 8.18 15.00 -25.77
CA ILE A 353 7.81 14.13 -24.66
C ILE A 353 6.95 14.90 -23.67
N THR A 354 5.83 14.30 -23.29
CA THR A 354 4.93 14.85 -22.28
C THR A 354 4.77 13.81 -21.17
N GLN A 355 5.14 14.18 -19.95
CA GLN A 355 4.81 13.37 -18.80
C GLN A 355 3.31 13.48 -18.53
N LEU A 356 2.66 12.34 -18.31
CA LEU A 356 1.25 12.29 -17.97
C LEU A 356 1.01 11.95 -16.52
N LEU A 357 1.82 11.06 -15.94
CA LEU A 357 1.71 10.61 -14.57
C LEU A 357 3.09 10.60 -13.95
N PRO A 358 3.20 10.89 -12.62
CA PRO A 358 2.10 11.14 -11.67
C PRO A 358 1.39 12.48 -11.86
N VAL A 359 2.03 13.44 -12.53
CA VAL A 359 1.45 14.73 -12.89
C VAL A 359 1.76 15.01 -14.35
N LYS A 360 0.92 15.81 -14.99
CA LYS A 360 1.12 16.16 -16.40
C LYS A 360 2.04 17.36 -16.53
N ARG A 361 3.08 17.21 -17.35
CA ARG A 361 4.01 18.30 -17.62
C ARG A 361 4.76 18.02 -18.91
N LYS A 362 4.80 19.02 -19.78
CA LYS A 362 5.55 18.90 -21.01
C LYS A 362 7.05 18.94 -20.69
N LEU A 363 7.79 17.94 -21.18
CA LEU A 363 9.22 17.90 -20.93
C LEU A 363 10.04 18.54 -22.05
N GLY A 364 9.49 18.62 -23.26
CA GLY A 364 10.15 19.32 -24.35
C GLY A 364 10.58 18.37 -25.46
N PHE A 365 11.38 18.92 -26.37
CA PHE A 365 11.87 18.16 -27.51
C PHE A 365 13.12 17.38 -27.12
N TYR A 366 13.17 16.12 -27.56
CA TYR A 366 14.31 15.22 -27.37
C TYR A 366 14.81 14.78 -28.74
N GLU A 367 16.08 15.08 -29.04
CA GLU A 367 16.72 14.65 -30.28
C GLU A 367 17.07 13.16 -30.21
N TRP A 368 17.32 12.56 -31.39
CA TRP A 368 17.65 11.14 -31.43
C TRP A 368 18.86 10.83 -30.56
N THR A 369 19.73 11.80 -30.34
CA THR A 369 20.91 11.59 -29.50
C THR A 369 20.64 11.75 -28.02
N SER A 370 19.44 12.16 -27.62
CA SER A 370 19.22 12.60 -26.25
C SER A 370 19.04 11.43 -25.29
N ARG A 371 19.16 11.75 -24.01
CA ARG A 371 18.85 10.83 -22.92
C ARG A 371 17.74 11.45 -22.08
N LEU A 372 16.80 10.61 -21.69
CA LEU A 372 15.69 11.00 -20.82
C LEU A 372 16.02 10.58 -19.39
N ARG A 373 15.90 11.54 -18.46
CA ARG A 373 16.16 11.31 -17.04
C ARG A 373 14.90 11.61 -16.25
N SER A 374 14.53 10.70 -15.34
CA SER A 374 13.36 10.89 -14.50
C SER A 374 13.66 10.41 -13.07
N HIS A 375 12.99 11.01 -12.09
CA HIS A 375 12.97 10.47 -10.73
C HIS A 375 11.62 9.80 -10.51
N ILE A 376 11.64 8.54 -10.08
CA ILE A 376 10.43 7.74 -9.96
C ILE A 376 10.25 7.39 -8.49
N ASN A 377 9.04 7.63 -7.97
CA ASN A 377 8.76 7.34 -6.58
C ASN A 377 8.76 5.82 -6.33
N PRO A 378 9.18 5.40 -5.14
CA PRO A 378 9.05 3.98 -4.76
C PRO A 378 7.62 3.48 -4.93
N THR A 379 7.47 2.35 -5.64
CA THR A 379 6.23 1.68 -6.03
C THR A 379 5.40 2.53 -7.00
N GLY A 380 5.92 3.69 -7.43
CA GLY A 380 5.22 4.53 -8.38
C GLY A 380 5.72 4.29 -9.79
N THR A 381 5.07 4.99 -10.73
CA THR A 381 5.34 4.92 -12.14
C THR A 381 5.32 6.32 -12.72
N VAL A 382 6.28 6.60 -13.61
CA VAL A 382 6.26 7.78 -14.45
C VAL A 382 5.77 7.33 -15.83
N LEU A 383 4.68 7.93 -16.31
CA LEU A 383 4.13 7.60 -17.62
C LEU A 383 4.35 8.77 -18.57
N LEU A 384 4.90 8.48 -19.76
CA LEU A 384 5.22 9.52 -20.74
C LEU A 384 4.59 9.16 -22.08
N GLN A 385 4.27 10.20 -22.85
CA GLN A 385 3.87 10.07 -24.24
C GLN A 385 4.87 10.79 -25.11
N LEU A 386 5.36 10.08 -26.13
CA LEU A 386 6.37 10.53 -27.08
C LEU A 386 5.70 10.72 -28.42
N GLU A 387 5.89 11.90 -29.03
CA GLU A 387 5.29 12.22 -30.32
C GLU A 387 6.44 12.52 -31.27
N ASN A 388 6.57 11.74 -32.33
CA ASN A 388 7.65 11.96 -33.29
C ASN A 388 7.42 13.31 -33.99
N THR A 389 8.50 14.07 -34.19
CA THR A 389 8.37 15.41 -34.77
C THR A 389 8.04 15.40 -36.26
N MET A 390 8.08 14.24 -36.93
CA MET A 390 7.63 14.23 -38.31
C MET A 390 6.13 14.16 -38.43
N GLN A 391 5.43 13.85 -37.33
CA GLN A 391 3.99 13.94 -37.26
C GLN A 391 3.53 15.24 -36.61
N MET A 392 4.40 16.25 -36.56
CA MET A 392 4.08 17.55 -35.94
C MET A 392 4.32 18.71 -36.91
N LEU B 1 16.84 1.93 31.26
CA LEU B 1 17.98 2.76 31.64
C LEU B 1 17.57 3.88 32.59
N ASP B 2 18.19 3.88 33.77
CA ASP B 2 17.85 4.83 34.82
C ASP B 2 18.72 6.08 34.69
N ASN B 3 18.47 6.85 33.64
CA ASN B 3 19.13 8.14 33.44
C ASN B 3 18.14 9.29 33.51
N GLY B 4 16.91 9.06 33.96
CA GLY B 4 15.92 10.11 33.98
C GLY B 4 15.35 10.48 32.63
N LEU B 5 15.75 9.80 31.55
CA LEU B 5 15.32 10.12 30.20
C LEU B 5 14.30 9.10 29.70
N ALA B 6 13.59 9.49 28.64
CA ALA B 6 12.62 8.60 28.00
C ALA B 6 11.60 8.10 29.02
N ARG B 7 11.13 8.99 29.90
CA ARG B 7 10.07 8.61 30.83
C ARG B 7 8.78 8.33 30.09
N THR B 8 8.60 8.94 28.92
CA THR B 8 7.66 8.52 27.90
C THR B 8 8.46 8.16 26.65
N PRO B 9 7.88 7.42 25.71
CA PRO B 9 8.64 7.07 24.50
C PRO B 9 9.16 8.31 23.79
N THR B 10 10.43 8.25 23.38
CA THR B 10 11.06 9.38 22.70
C THR B 10 10.41 9.63 21.33
N MET B 11 10.27 10.91 20.97
CA MET B 11 9.69 11.31 19.69
C MET B 11 10.68 12.18 18.93
N GLY B 12 10.75 11.98 17.63
CA GLY B 12 11.65 12.76 16.81
C GLY B 12 11.63 12.36 15.34
N TRP B 13 12.74 12.60 14.66
CA TRP B 13 12.89 12.35 13.23
C TRP B 13 14.27 11.74 13.01
N LEU B 14 14.33 10.78 12.10
CA LEU B 14 15.54 10.01 11.81
C LEU B 14 15.61 9.77 10.32
N HIS B 15 16.80 9.96 9.73
CA HIS B 15 16.86 10.06 8.27
C HIS B 15 16.85 8.72 7.54
N TRP B 16 17.02 7.58 8.24
CA TRP B 16 17.49 6.38 7.56
C TRP B 16 16.53 5.86 6.49
N GLU B 17 15.27 5.61 6.83
CA GLU B 17 14.37 4.96 5.86
C GLU B 17 14.23 5.78 4.59
N ARG B 18 14.03 7.08 4.72
CA ARG B 18 13.74 7.91 3.55
C ARG B 18 15.00 8.26 2.78
N PHE B 19 16.12 8.46 3.46
CA PHE B 19 17.34 8.97 2.82
C PHE B 19 18.49 7.99 2.78
N MET B 20 18.52 7.00 3.67
CA MET B 20 19.49 5.91 3.67
C MET B 20 20.93 6.42 3.60
N CYS B 21 21.75 5.82 2.74
CA CYS B 21 23.16 6.17 2.70
C CYS B 21 23.52 6.84 1.38
N ASN B 22 22.78 7.87 1.00
CA ASN B 22 23.01 8.56 -0.25
C ASN B 22 24.18 9.52 -0.09
N LEU B 23 25.32 9.19 -0.70
CA LEU B 23 26.52 10.01 -0.59
C LEU B 23 26.78 10.86 -1.84
N ASP B 24 25.88 10.83 -2.83
CA ASP B 24 26.09 11.48 -4.12
C ASP B 24 25.45 12.86 -4.09
N CYS B 25 26.15 13.81 -3.47
CA CYS B 25 25.63 15.17 -3.39
C CYS B 25 25.74 15.92 -4.71
N GLN B 26 26.49 15.42 -5.68
CA GLN B 26 26.56 16.10 -6.97
C GLN B 26 25.35 15.80 -7.83
N GLU B 27 24.96 14.53 -7.93
CA GLU B 27 23.82 14.16 -8.77
C GLU B 27 22.50 14.05 -8.00
N GLU B 28 22.53 13.85 -6.69
CA GLU B 28 21.31 13.77 -5.87
C GLU B 28 21.45 14.69 -4.65
N PRO B 29 21.61 16.00 -4.88
CA PRO B 29 21.88 16.91 -3.75
C PRO B 29 20.75 17.01 -2.74
N ASP B 30 19.48 16.85 -3.16
CA ASP B 30 18.38 17.02 -2.22
C ASP B 30 18.13 15.81 -1.36
N SER B 31 18.87 14.73 -1.59
CA SER B 31 18.64 13.51 -0.84
C SER B 31 19.94 12.95 -0.28
N CYS B 32 21.08 13.61 -0.50
CA CYS B 32 22.32 13.11 0.06
C CYS B 32 22.42 13.51 1.53
N ILE B 33 23.17 12.71 2.29
CA ILE B 33 23.31 12.91 3.73
C ILE B 33 24.26 14.08 3.95
N SER B 34 23.73 15.24 4.31
CA SER B 34 24.54 16.45 4.43
C SER B 34 24.01 17.32 5.56
N GLU B 35 24.89 18.19 6.07
CA GLU B 35 24.48 19.11 7.12
C GLU B 35 23.35 20.02 6.68
N LYS B 36 23.31 20.39 5.39
CA LYS B 36 22.22 21.24 4.91
C LYS B 36 20.86 20.55 5.03
N LEU B 37 20.83 19.24 4.73
CA LEU B 37 19.59 18.48 4.89
C LEU B 37 19.06 18.56 6.32
N PHE B 38 19.95 18.34 7.30
CA PHE B 38 19.51 18.35 8.70
C PHE B 38 19.15 19.76 9.16
N MET B 39 19.85 20.79 8.68
CA MET B 39 19.48 22.17 9.02
C MET B 39 18.09 22.51 8.50
N GLU B 40 17.83 22.21 7.22
CA GLU B 40 16.51 22.50 6.68
C GLU B 40 15.43 21.69 7.41
N MET B 41 15.74 20.43 7.72
CA MET B 41 14.80 19.60 8.46
C MET B 41 14.49 20.18 9.83
N ALA B 42 15.50 20.73 10.52
CA ALA B 42 15.27 21.39 11.81
C ALA B 42 14.33 22.59 11.65
N GLU B 43 14.59 23.42 10.62
CA GLU B 43 13.73 24.57 10.36
C GLU B 43 12.27 24.13 10.18
N LEU B 44 12.04 23.07 9.40
CA LEU B 44 10.66 22.64 9.22
C LEU B 44 10.08 21.97 10.48
N MET B 45 10.90 21.27 11.26
CA MET B 45 10.39 20.71 12.51
C MET B 45 9.81 21.82 13.39
N VAL B 46 10.46 22.98 13.40
CA VAL B 46 9.89 24.12 14.14
C VAL B 46 8.68 24.70 13.42
N SER B 47 8.86 25.11 12.16
CA SER B 47 7.87 25.97 11.53
C SER B 47 6.58 25.24 11.20
N GLU B 48 6.64 23.93 10.97
CA GLU B 48 5.45 23.17 10.56
C GLU B 48 4.78 22.44 11.72
N GLY B 49 5.12 22.79 12.96
CA GLY B 49 4.39 22.28 14.10
C GLY B 49 4.86 20.96 14.67
N TRP B 50 5.92 20.37 14.10
CA TRP B 50 6.38 19.07 14.58
C TRP B 50 6.88 19.15 16.01
N LYS B 51 7.71 20.15 16.31
CA LYS B 51 8.18 20.32 17.68
C LYS B 51 7.00 20.48 18.65
N ASP B 52 6.00 21.29 18.28
CA ASP B 52 4.83 21.48 19.14
C ASP B 52 4.07 20.18 19.37
N ALA B 53 4.01 19.29 18.38
CA ALA B 53 3.32 18.02 18.57
C ALA B 53 4.10 17.09 19.49
N GLY B 54 5.40 17.33 19.67
CA GLY B 54 6.20 16.53 20.56
C GLY B 54 7.48 15.96 19.95
N TYR B 55 7.64 16.08 18.64
CA TYR B 55 8.82 15.57 17.95
C TYR B 55 10.00 16.51 18.18
N GLU B 56 10.94 16.12 19.03
CA GLU B 56 12.01 17.04 19.41
C GLU B 56 13.41 16.55 19.09
N TYR B 57 13.61 15.28 18.77
CA TYR B 57 14.93 14.74 18.49
C TYR B 57 15.14 14.67 16.98
N LEU B 58 16.04 15.50 16.46
CA LEU B 58 16.45 15.45 15.07
C LEU B 58 17.70 14.57 14.99
N CYS B 59 17.59 13.41 14.35
CA CYS B 59 18.57 12.35 14.49
C CYS B 59 19.25 12.02 13.17
N ILE B 60 20.57 11.93 13.22
CA ILE B 60 21.41 11.47 12.12
C ILE B 60 21.57 9.96 12.27
N ASP B 61 21.41 9.23 11.17
CA ASP B 61 21.69 7.81 11.15
C ASP B 61 23.08 7.59 10.55
N ASP B 62 23.32 6.44 9.93
CA ASP B 62 24.63 6.10 9.40
C ASP B 62 25.03 7.06 8.28
N CYS B 63 26.32 7.01 7.91
CA CYS B 63 26.88 7.72 6.75
C CYS B 63 27.01 9.22 6.98
N TRP B 64 27.34 9.61 8.21
CA TRP B 64 27.72 10.99 8.48
C TRP B 64 29.22 11.17 8.67
N MET B 65 29.97 10.09 8.85
CA MET B 65 31.37 10.12 9.28
C MET B 65 32.33 10.30 8.11
N ALA B 66 33.47 10.91 8.40
CA ALA B 66 34.61 10.82 7.51
C ALA B 66 35.11 9.37 7.48
N PRO B 67 35.79 8.98 6.40
CA PRO B 67 36.23 7.57 6.28
C PRO B 67 37.18 7.10 7.37
N GLN B 68 37.87 8.00 8.07
CA GLN B 68 38.84 7.58 9.06
C GLN B 68 38.85 8.58 10.22
N ARG B 69 39.33 8.12 11.37
CA ARG B 69 39.45 8.99 12.53
C ARG B 69 40.57 10.01 12.31
N ASP B 70 40.56 11.06 13.12
CA ASP B 70 41.58 12.10 13.02
C ASP B 70 42.88 11.62 13.67
N SER B 71 43.87 12.52 13.75
CA SER B 71 45.16 12.13 14.31
C SER B 71 45.07 11.74 15.78
N GLU B 72 44.16 12.34 16.54
CA GLU B 72 43.99 12.04 17.95
C GLU B 72 43.03 10.88 18.19
N GLY B 73 42.66 10.14 17.15
CA GLY B 73 41.80 8.97 17.31
C GLY B 73 40.33 9.25 17.48
N ARG B 74 39.87 10.46 17.20
CA ARG B 74 38.46 10.81 17.35
C ARG B 74 37.75 10.70 16.01
N LEU B 75 36.46 10.37 16.08
CA LEU B 75 35.61 10.40 14.90
C LEU B 75 35.46 11.83 14.40
N GLN B 76 35.32 11.97 13.09
CA GLN B 76 35.07 13.27 12.50
C GLN B 76 33.94 13.16 11.50
N ALA B 77 33.18 14.24 11.38
CA ALA B 77 32.14 14.30 10.35
C ALA B 77 32.81 14.42 9.00
N ASP B 78 32.11 13.96 7.96
CA ASP B 78 32.66 14.03 6.61
C ASP B 78 32.96 15.48 6.25
N PRO B 79 34.17 15.78 5.78
CA PRO B 79 34.53 17.19 5.52
C PRO B 79 33.73 17.82 4.39
N GLN B 80 33.33 17.05 3.37
CA GLN B 80 32.58 17.65 2.27
C GLN B 80 31.10 17.79 2.61
N ARG B 81 30.50 16.78 3.22
CA ARG B 81 29.06 16.82 3.45
C ARG B 81 28.70 17.46 4.78
N PHE B 82 29.62 17.44 5.76
CA PHE B 82 29.42 18.12 7.04
C PHE B 82 30.61 19.04 7.33
N PRO B 83 30.84 20.05 6.49
CA PRO B 83 32.06 20.86 6.65
C PRO B 83 32.10 21.66 7.94
N HIS B 84 30.96 22.04 8.50
CA HIS B 84 30.95 22.84 9.73
C HIS B 84 30.95 22.00 11.00
N GLY B 85 30.81 20.69 10.90
CA GLY B 85 31.00 19.83 12.05
C GLY B 85 29.75 19.66 12.90
N ILE B 86 29.79 18.59 13.70
CA ILE B 86 28.62 18.21 14.49
C ILE B 86 28.35 19.22 15.59
N ARG B 87 29.40 19.81 16.18
CA ARG B 87 29.16 20.76 17.26
C ARG B 87 28.38 21.98 16.76
N GLN B 88 28.74 22.48 15.58
CA GLN B 88 27.97 23.59 15.02
C GLN B 88 26.56 23.16 14.65
N LEU B 89 26.41 21.95 14.07
CA LEU B 89 25.07 21.46 13.79
C LEU B 89 24.22 21.37 15.06
N ALA B 90 24.81 20.85 16.15
CA ALA B 90 24.10 20.74 17.42
C ALA B 90 23.73 22.11 17.97
N ASN B 91 24.65 23.08 17.86
CA ASN B 91 24.32 24.45 18.28
C ASN B 91 23.12 24.98 17.51
N TYR B 92 23.11 24.77 16.20
CA TYR B 92 21.98 25.21 15.40
C TYR B 92 20.69 24.52 15.85
N VAL B 93 20.76 23.19 16.03
CA VAL B 93 19.58 22.42 16.43
C VAL B 93 19.05 22.87 17.79
N HIS B 94 19.95 23.09 18.76
CA HIS B 94 19.53 23.57 20.07
C HIS B 94 18.94 24.98 19.97
N SER B 95 19.50 25.83 19.11
CA SER B 95 18.96 27.18 18.96
C SER B 95 17.52 27.15 18.47
N LYS B 96 17.13 26.12 17.75
CA LYS B 96 15.73 25.97 17.36
C LYS B 96 14.88 25.35 18.46
N GLY B 97 15.47 24.99 19.60
CA GLY B 97 14.73 24.31 20.64
C GLY B 97 14.63 22.80 20.48
N LEU B 98 15.48 22.20 19.66
CA LEU B 98 15.43 20.77 19.38
C LEU B 98 16.65 20.09 19.99
N LYS B 99 16.66 18.76 19.92
CA LYS B 99 17.77 17.97 20.40
C LYS B 99 18.35 17.16 19.24
N LEU B 100 19.64 16.88 19.31
CA LEU B 100 20.35 16.23 18.22
C LEU B 100 20.67 14.79 18.57
N GLY B 101 20.34 13.87 17.67
CA GLY B 101 20.71 12.47 17.80
C GLY B 101 21.78 12.12 16.78
N ILE B 102 22.63 11.16 17.12
CA ILE B 102 23.69 10.73 16.21
C ILE B 102 23.74 9.21 16.24
N TYR B 103 24.59 8.64 15.37
CA TYR B 103 24.67 7.22 15.12
C TYR B 103 26.10 6.74 15.29
N ALA B 104 26.26 5.55 15.85
CA ALA B 104 27.56 4.88 15.95
C ALA B 104 27.31 3.38 15.99
N ASP B 105 28.39 2.60 15.95
CA ASP B 105 28.29 1.15 15.86
C ASP B 105 29.23 0.49 16.88
N VAL B 106 28.71 -0.55 17.53
CA VAL B 106 29.44 -1.25 18.59
C VAL B 106 30.66 -2.00 18.08
N GLY B 107 30.68 -2.36 16.81
CA GLY B 107 31.73 -3.19 16.24
C GLY B 107 32.85 -2.39 15.62
N ASN B 108 33.55 -3.02 14.69
CA ASN B 108 34.70 -2.38 14.06
C ASN B 108 34.31 -1.42 12.95
N LYS B 109 33.08 -1.53 12.43
CA LYS B 109 32.57 -0.64 11.40
C LYS B 109 31.07 -0.42 11.61
N THR B 110 30.57 0.72 11.13
CA THR B 110 29.13 0.89 11.01
C THR B 110 28.61 -0.02 9.91
N CYS B 111 27.29 -0.22 9.87
CA CYS B 111 26.72 -1.13 8.88
C CYS B 111 27.07 -0.70 7.45
N ALA B 112 27.23 0.61 7.21
CA ALA B 112 27.63 1.11 5.89
C ALA B 112 29.14 1.14 5.70
N GLY B 113 29.93 0.69 6.67
CA GLY B 113 31.36 0.57 6.50
C GLY B 113 32.20 1.71 7.00
N PHE B 114 31.64 2.63 7.77
CA PHE B 114 32.38 3.75 8.32
C PHE B 114 32.94 3.38 9.69
N PRO B 115 33.81 4.21 10.27
CA PRO B 115 34.51 3.81 11.49
C PRO B 115 33.59 3.33 12.61
N GLY B 116 33.86 2.11 13.11
CA GLY B 116 33.17 1.61 14.28
C GLY B 116 33.78 2.14 15.57
N SER B 117 33.10 1.86 16.68
CA SER B 117 33.47 2.42 17.97
C SER B 117 34.16 1.43 18.90
N PHE B 118 34.31 0.17 18.49
CA PHE B 118 35.04 -0.79 19.32
C PHE B 118 36.47 -0.30 19.56
N GLY B 119 36.88 -0.32 20.83
CA GLY B 119 38.17 0.21 21.22
C GLY B 119 38.19 1.71 21.44
N TYR B 120 37.06 2.40 21.19
CA TYR B 120 36.98 3.85 21.33
C TYR B 120 35.74 4.27 22.10
N TYR B 121 35.15 3.36 22.88
CA TYR B 121 33.85 3.63 23.50
C TYR B 121 33.91 4.90 24.34
N ASP B 122 34.95 5.02 25.18
CA ASP B 122 35.04 6.15 26.09
C ASP B 122 35.31 7.45 25.34
N ILE B 123 36.27 7.43 24.41
CA ILE B 123 36.58 8.64 23.67
C ILE B 123 35.42 9.03 22.76
N ASP B 124 34.75 8.05 22.15
CA ASP B 124 33.61 8.39 21.31
C ASP B 124 32.45 8.96 22.13
N ALA B 125 32.19 8.39 23.31
CA ALA B 125 31.14 8.93 24.16
C ALA B 125 31.46 10.36 24.57
N GLN B 126 32.71 10.61 24.99
CA GLN B 126 33.08 11.97 25.37
C GLN B 126 33.06 12.92 24.18
N THR B 127 33.42 12.43 22.99
CA THR B 127 33.34 13.25 21.79
C THR B 127 31.91 13.69 21.51
N PHE B 128 30.98 12.74 21.53
CA PHE B 128 29.58 13.08 21.31
C PHE B 128 29.08 14.08 22.35
N ALA B 129 29.49 13.88 23.62
CA ALA B 129 29.05 14.79 24.68
C ALA B 129 29.61 16.19 24.47
N ASP B 130 30.90 16.29 24.11
CA ASP B 130 31.51 17.58 23.83
C ASP B 130 30.81 18.28 22.67
N TRP B 131 30.40 17.50 21.66
CA TRP B 131 29.71 18.05 20.50
C TRP B 131 28.32 18.55 20.83
N GLY B 132 27.75 18.14 21.96
CA GLY B 132 26.38 18.49 22.29
C GLY B 132 25.33 17.46 21.87
N VAL B 133 25.76 16.23 21.58
CA VAL B 133 24.81 15.18 21.21
C VAL B 133 23.88 14.87 22.36
N ASP B 134 22.59 14.68 22.04
CA ASP B 134 21.56 14.38 23.04
C ASP B 134 20.97 12.98 22.92
N LEU B 135 21.30 12.23 21.88
CA LEU B 135 20.79 10.88 21.68
C LEU B 135 21.79 10.13 20.84
N LEU B 136 21.98 8.84 21.15
CA LEU B 136 22.87 7.98 20.38
C LEU B 136 22.09 6.73 19.99
N LYS B 137 22.02 6.47 18.68
CA LYS B 137 21.56 5.19 18.16
C LYS B 137 22.79 4.34 17.92
N PHE B 138 22.88 3.18 18.60
CA PHE B 138 24.09 2.38 18.62
C PHE B 138 23.82 1.07 17.91
N ASP B 139 24.40 0.92 16.71
CA ASP B 139 24.13 -0.17 15.79
C ASP B 139 25.00 -1.38 16.12
N GLY B 140 24.72 -2.50 15.47
CA GLY B 140 25.36 -3.74 15.86
C GLY B 140 26.18 -4.47 14.81
N CYS B 141 26.44 -3.86 13.66
CA CYS B 141 27.16 -4.55 12.61
C CYS B 141 28.63 -4.75 12.98
N TYR B 142 29.23 -5.78 12.36
CA TYR B 142 30.67 -6.01 12.45
C TYR B 142 31.11 -6.25 13.89
N CYS B 143 30.37 -7.09 14.59
CA CYS B 143 30.69 -7.50 15.95
C CYS B 143 30.83 -9.02 15.94
N ASP B 144 32.01 -9.52 16.32
CA ASP B 144 32.39 -10.90 16.09
C ASP B 144 31.96 -11.87 17.20
N SER B 145 31.35 -11.40 18.28
CA SER B 145 30.95 -12.31 19.34
C SER B 145 29.82 -11.71 20.15
N LEU B 146 28.97 -12.58 20.70
CA LEU B 146 27.93 -12.13 21.62
C LEU B 146 28.53 -11.44 22.83
N GLU B 147 29.67 -11.94 23.31
CA GLU B 147 30.32 -11.33 24.45
C GLU B 147 30.79 -9.92 24.12
N ASN B 148 31.41 -9.75 22.95
CA ASN B 148 31.79 -8.41 22.51
C ASN B 148 30.57 -7.52 22.32
N LEU B 149 29.48 -8.06 21.78
CA LEU B 149 28.25 -7.29 21.60
C LEU B 149 27.76 -6.75 22.93
N ALA B 150 27.54 -7.65 23.90
CA ALA B 150 27.03 -7.26 25.22
C ALA B 150 27.98 -6.32 25.93
N ASP B 151 29.29 -6.65 25.91
CA ASP B 151 30.29 -5.81 26.56
C ASP B 151 30.31 -4.42 25.95
N GLY B 152 30.21 -4.33 24.62
CA GLY B 152 30.23 -3.04 23.96
C GLY B 152 29.01 -2.21 24.30
N TYR B 153 27.82 -2.83 24.29
CA TYR B 153 26.61 -2.08 24.62
C TYR B 153 26.66 -1.58 26.07
N LYS B 154 27.06 -2.46 26.99
CA LYS B 154 27.16 -2.06 28.40
C LYS B 154 28.21 -0.98 28.59
N HIS B 155 29.37 -1.14 27.94
CA HIS B 155 30.45 -0.17 28.06
C HIS B 155 30.04 1.19 27.53
N MET B 156 29.39 1.23 26.37
CA MET B 156 28.97 2.52 25.84
C MET B 156 27.94 3.17 26.73
N SER B 157 27.03 2.39 27.30
CA SER B 157 26.10 2.94 28.29
C SER B 157 26.86 3.59 29.44
N LEU B 158 27.85 2.87 29.99
CA LEU B 158 28.61 3.40 31.12
C LEU B 158 29.41 4.64 30.73
N ALA B 159 30.04 4.63 29.54
CA ALA B 159 30.83 5.77 29.10
C ALA B 159 29.97 7.02 28.91
N LEU B 160 28.82 6.85 28.26
CA LEU B 160 27.90 7.97 28.13
C LEU B 160 27.51 8.50 29.50
N ASN B 161 27.21 7.61 30.45
CA ASN B 161 26.93 8.07 31.81
C ASN B 161 28.10 8.87 32.38
N ARG B 162 29.32 8.40 32.16
CA ARG B 162 30.49 9.06 32.74
C ARG B 162 30.72 10.44 32.17
N THR B 163 30.21 10.71 30.96
CA THR B 163 30.30 12.07 30.44
C THR B 163 29.52 13.08 31.28
N GLY B 164 28.50 12.65 32.01
CA GLY B 164 27.67 13.59 32.75
C GLY B 164 26.61 14.31 31.93
N ARG B 165 26.55 14.08 30.61
CA ARG B 165 25.53 14.67 29.78
C ARG B 165 24.38 13.68 29.60
N SER B 166 23.15 14.20 29.68
CA SER B 166 21.96 13.40 29.45
C SER B 166 21.87 13.04 27.96
N ILE B 167 22.04 11.76 27.63
CA ILE B 167 22.01 11.29 26.25
C ILE B 167 21.10 10.08 26.18
N VAL B 168 20.03 10.17 25.38
CA VAL B 168 19.18 9.00 25.15
C VAL B 168 20.00 7.93 24.44
N TYR B 169 19.90 6.70 24.92
CA TYR B 169 20.72 5.59 24.44
C TYR B 169 19.81 4.55 23.78
N SER B 170 19.91 4.43 22.47
CA SER B 170 19.07 3.54 21.66
C SER B 170 19.93 2.38 21.16
N CYS B 171 19.53 1.16 21.50
CA CYS B 171 20.36 -0.03 21.27
C CYS B 171 19.71 -0.94 20.24
N GLU B 172 20.54 -1.52 19.36
CA GLU B 172 20.10 -2.57 18.44
C GLU B 172 20.44 -3.97 18.97
N TRP B 173 20.90 -4.05 20.22
CA TRP B 173 21.41 -5.23 20.92
C TRP B 173 20.55 -6.49 20.75
N PRO B 174 19.26 -6.48 21.12
CA PRO B 174 18.49 -7.73 21.04
C PRO B 174 18.40 -8.30 19.64
N LEU B 175 18.21 -7.43 18.64
CA LEU B 175 18.12 -7.85 17.26
C LEU B 175 19.37 -8.60 16.80
N TYR B 176 20.55 -8.10 17.17
CA TYR B 176 21.80 -8.72 16.78
C TYR B 176 22.14 -9.93 17.62
N MET B 177 21.43 -10.15 18.73
CA MET B 177 21.59 -11.39 19.46
C MET B 177 20.92 -12.56 18.74
N TRP B 178 19.96 -12.27 17.85
CA TRP B 178 19.07 -13.28 17.28
C TRP B 178 19.77 -14.50 16.68
N PRO B 179 20.78 -14.38 15.81
CA PRO B 179 21.39 -15.60 15.25
C PRO B 179 22.04 -16.50 16.29
N PHE B 180 22.17 -16.06 17.55
CA PHE B 180 22.92 -16.84 18.52
C PHE B 180 22.17 -17.19 19.80
N GLN B 181 21.42 -16.25 20.39
CA GLN B 181 20.83 -16.55 21.70
C GLN B 181 19.72 -15.56 22.04
N LYS B 182 18.83 -16.01 22.94
CA LYS B 182 17.67 -15.22 23.33
C LYS B 182 18.08 -14.05 24.23
N PRO B 183 17.44 -12.89 24.06
CA PRO B 183 17.82 -11.72 24.88
C PRO B 183 17.29 -11.79 26.30
N ASN B 184 18.10 -11.27 27.23
CA ASN B 184 17.71 -11.07 28.62
C ASN B 184 17.32 -9.60 28.75
N TYR B 185 16.02 -9.34 28.78
CA TYR B 185 15.53 -7.97 28.69
C TYR B 185 15.68 -7.19 30.00
N THR B 186 15.80 -7.88 31.14
CA THR B 186 16.13 -7.16 32.37
C THR B 186 17.47 -6.44 32.24
N GLU B 187 18.49 -7.15 31.75
CA GLU B 187 19.81 -6.55 31.54
C GLU B 187 19.77 -5.45 30.48
N ILE B 188 19.24 -5.77 29.30
CA ILE B 188 19.14 -4.79 28.21
C ILE B 188 18.48 -3.52 28.71
N ARG B 189 17.36 -3.67 29.43
CA ARG B 189 16.65 -2.53 29.97
C ARG B 189 17.50 -1.77 30.98
N GLN B 190 18.30 -2.49 31.78
CA GLN B 190 19.22 -1.80 32.68
C GLN B 190 20.16 -0.87 31.93
N TYR B 191 20.55 -1.24 30.70
CA TYR B 191 21.55 -0.45 30.01
C TYR B 191 21.01 0.48 28.92
N CYS B 192 19.77 0.30 28.45
CA CYS B 192 19.30 0.99 27.25
C CYS B 192 17.96 1.70 27.49
N ASN B 193 17.79 2.87 26.85
CA ASN B 193 16.51 3.57 26.87
C ASN B 193 15.51 2.95 25.87
N HIS B 194 15.98 2.56 24.68
CA HIS B 194 15.17 1.78 23.74
C HIS B 194 16.00 0.64 23.19
N TRP B 195 15.31 -0.39 22.73
CA TRP B 195 16.00 -1.51 22.10
C TRP B 195 15.16 -2.05 20.96
N ARG B 196 15.82 -2.26 19.82
CA ARG B 196 15.15 -2.82 18.65
C ARG B 196 15.14 -4.34 18.72
N ASN B 197 13.97 -4.94 18.50
CA ASN B 197 13.83 -6.40 18.55
C ASN B 197 13.76 -7.07 17.18
N PHE B 198 13.27 -6.39 16.14
CA PHE B 198 12.94 -7.02 14.86
C PHE B 198 13.61 -6.26 13.72
N ALA B 199 13.55 -6.83 12.52
CA ALA B 199 14.23 -6.32 11.35
C ALA B 199 13.75 -4.91 10.97
N ASP B 200 14.53 -4.27 10.09
CA ASP B 200 14.27 -2.89 9.68
C ASP B 200 12.93 -2.79 8.98
N ILE B 201 12.22 -1.70 9.26
CA ILE B 201 11.01 -1.38 8.51
C ILE B 201 11.40 -0.87 7.12
N ASP B 202 10.51 -1.05 6.15
CA ASP B 202 10.69 -0.28 4.92
C ASP B 202 9.36 0.36 4.54
N ASP B 203 9.26 0.88 3.31
CA ASP B 203 8.10 1.65 2.89
C ASP B 203 7.06 0.71 2.26
N SER B 204 6.52 -0.16 3.11
CA SER B 204 5.59 -1.17 2.61
C SER B 204 4.66 -1.63 3.73
N TRP B 205 3.44 -1.95 3.33
CA TRP B 205 2.48 -2.57 4.22
C TRP B 205 2.96 -3.95 4.68
N LYS B 206 3.66 -4.68 3.79
CA LYS B 206 4.21 -5.97 4.18
C LYS B 206 5.11 -5.85 5.42
N SER B 207 5.95 -4.82 5.46
CA SER B 207 6.85 -4.66 6.59
C SER B 207 6.08 -4.30 7.86
N ILE B 208 5.01 -3.49 7.75
CA ILE B 208 4.17 -3.21 8.92
C ILE B 208 3.55 -4.51 9.45
N LYS B 209 2.94 -5.30 8.57
CA LYS B 209 2.36 -6.56 9.01
C LYS B 209 3.39 -7.45 9.66
N SER B 210 4.60 -7.48 9.10
CA SER B 210 5.64 -8.34 9.66
C SER B 210 6.01 -7.89 11.06
N ILE B 211 6.20 -6.58 11.26
CA ILE B 211 6.54 -6.08 12.60
C ILE B 211 5.43 -6.38 13.58
N LEU B 212 4.17 -6.16 13.17
CA LEU B 212 3.05 -6.41 14.08
C LEU B 212 2.92 -7.89 14.44
N ASP B 213 3.05 -8.77 13.44
CA ASP B 213 2.89 -10.21 13.66
C ASP B 213 4.01 -10.75 14.53
N TRP B 214 5.24 -10.30 14.31
CA TRP B 214 6.33 -10.70 15.19
C TRP B 214 6.10 -10.22 16.61
N THR B 215 5.66 -8.97 16.77
CA THR B 215 5.40 -8.43 18.10
C THR B 215 4.32 -9.22 18.84
N SER B 216 3.20 -9.46 18.18
CA SER B 216 2.11 -10.18 18.83
C SER B 216 2.51 -11.62 19.14
N PHE B 217 3.28 -12.24 18.23
CA PHE B 217 3.73 -13.61 18.47
C PHE B 217 4.63 -13.69 19.70
N ASN B 218 5.46 -12.68 19.92
CA ASN B 218 6.44 -12.68 21.00
C ASN B 218 6.02 -11.84 22.18
N GLN B 219 4.73 -11.47 22.28
CA GLN B 219 4.34 -10.42 23.23
C GLN B 219 4.47 -10.86 24.68
N GLU B 220 4.38 -12.17 24.95
CA GLU B 220 4.61 -12.64 26.32
C GLU B 220 6.02 -12.35 26.78
N ARG B 221 6.97 -12.26 25.85
CA ARG B 221 8.36 -12.06 26.22
C ARG B 221 8.77 -10.59 26.32
N ILE B 222 8.10 -9.66 25.62
CA ILE B 222 8.62 -8.30 25.53
C ILE B 222 7.69 -7.25 26.11
N VAL B 223 6.38 -7.51 26.25
CA VAL B 223 5.46 -6.41 26.58
C VAL B 223 5.72 -5.89 27.99
N ASP B 224 5.89 -6.79 28.96
CA ASP B 224 6.00 -6.35 30.34
C ASP B 224 7.36 -5.72 30.66
N VAL B 225 8.38 -5.95 29.83
CA VAL B 225 9.67 -5.34 30.13
C VAL B 225 9.67 -3.84 29.83
N ALA B 226 8.75 -3.37 29.00
CA ALA B 226 8.69 -1.96 28.63
C ALA B 226 8.08 -1.13 29.76
N GLY B 227 8.53 0.13 29.84
CA GLY B 227 8.04 1.05 30.83
C GLY B 227 8.89 2.30 30.83
N PRO B 228 8.54 3.27 31.68
CA PRO B 228 9.29 4.53 31.73
C PRO B 228 10.79 4.28 31.86
N GLY B 229 11.55 4.85 30.94
CA GLY B 229 12.99 4.68 30.89
C GLY B 229 13.48 3.60 29.97
N GLY B 230 12.61 2.72 29.47
CA GLY B 230 13.02 1.60 28.65
C GLY B 230 11.90 1.06 27.78
N TRP B 231 12.05 1.16 26.45
CA TRP B 231 10.95 0.86 25.53
C TRP B 231 11.37 -0.15 24.49
N ASN B 232 10.41 -0.96 24.06
CA ASN B 232 10.58 -1.74 22.85
C ASN B 232 10.51 -0.83 21.64
N ASP B 233 11.44 -1.02 20.70
CA ASP B 233 11.51 -0.19 19.51
C ASP B 233 11.12 -0.99 18.27
N PRO B 234 9.93 -0.76 17.70
CA PRO B 234 9.55 -1.46 16.46
C PRO B 234 9.96 -0.74 15.19
N ASP B 235 10.88 0.21 15.30
CA ASP B 235 11.49 0.97 14.21
C ASP B 235 10.61 2.15 13.76
N MET B 236 11.05 2.85 12.72
CA MET B 236 10.57 4.19 12.40
C MET B 236 9.12 4.22 11.90
N LEU B 237 8.46 5.35 12.13
CA LEU B 237 7.23 5.67 11.41
C LEU B 237 7.56 6.02 9.97
N VAL B 238 6.84 5.42 9.03
CA VAL B 238 7.09 5.69 7.62
C VAL B 238 5.90 6.39 6.98
N ILE B 239 4.98 6.91 7.79
CA ILE B 239 3.89 7.72 7.27
C ILE B 239 4.46 8.95 6.57
N GLY B 240 3.88 9.30 5.44
CA GLY B 240 4.31 10.46 4.68
C GLY B 240 5.21 10.14 3.50
N ASN B 241 5.53 8.87 3.28
CA ASN B 241 6.40 8.46 2.19
C ASN B 241 5.51 7.92 1.04
N PHE B 242 5.78 6.75 0.48
CA PHE B 242 5.18 6.37 -0.79
C PHE B 242 4.43 5.06 -0.81
N GLY B 243 4.68 4.14 0.13
CA GLY B 243 4.20 2.78 -0.02
C GLY B 243 2.95 2.39 0.73
N LEU B 244 2.44 3.27 1.61
CA LEU B 244 1.30 2.97 2.47
C LEU B 244 0.06 3.71 1.99
N SER B 245 -1.05 2.99 1.90
CA SER B 245 -2.33 3.66 1.72
C SER B 245 -2.71 4.44 2.98
N TRP B 246 -3.70 5.32 2.85
CA TRP B 246 -4.18 6.08 4.02
C TRP B 246 -4.53 5.14 5.18
N ASN B 247 -5.28 4.06 4.91
CA ASN B 247 -5.67 3.16 5.99
C ASN B 247 -4.47 2.42 6.59
N GLN B 248 -3.44 2.12 5.79
CA GLN B 248 -2.25 1.48 6.33
C GLN B 248 -1.45 2.45 7.19
N GLN B 249 -1.42 3.73 6.81
CA GLN B 249 -0.81 4.78 7.64
C GLN B 249 -1.52 4.89 8.97
N VAL B 250 -2.87 4.92 8.94
CA VAL B 250 -3.65 4.93 10.17
C VAL B 250 -3.28 3.73 11.04
N THR B 251 -3.16 2.56 10.42
CA THR B 251 -2.80 1.38 11.18
C THR B 251 -1.45 1.53 11.87
N GLN B 252 -0.44 2.02 11.14
CA GLN B 252 0.87 2.18 11.78
C GLN B 252 0.79 3.18 12.94
N MET B 253 0.14 4.32 12.72
CA MET B 253 0.06 5.32 13.79
C MET B 253 -0.64 4.75 15.02
N ALA B 254 -1.81 4.15 14.82
CA ALA B 254 -2.59 3.60 15.93
C ALA B 254 -1.79 2.54 16.69
N LEU B 255 -1.13 1.63 15.97
CA LEU B 255 -0.49 0.52 16.65
C LEU B 255 0.83 0.93 17.29
N TRP B 256 1.53 1.93 16.73
CA TRP B 256 2.69 2.45 17.43
C TRP B 256 2.28 3.15 18.72
N ALA B 257 1.09 3.77 18.76
CA ALA B 257 0.56 4.28 20.03
C ALA B 257 0.23 3.13 20.99
N ILE B 258 -0.44 2.08 20.48
CA ILE B 258 -0.79 0.93 21.32
C ILE B 258 0.47 0.32 21.93
N MET B 259 1.57 0.26 21.17
CA MET B 259 2.78 -0.44 21.56
C MET B 259 3.73 0.40 22.40
N ALA B 260 3.36 1.62 22.77
CA ALA B 260 4.26 2.51 23.51
C ALA B 260 5.62 2.60 22.83
N ALA B 261 5.59 2.73 21.50
CA ALA B 261 6.79 2.76 20.69
C ALA B 261 7.41 4.16 20.72
N PRO B 262 8.73 4.25 20.66
CA PRO B 262 9.35 5.52 20.26
C PRO B 262 8.80 5.92 18.90
N LEU B 263 8.54 7.21 18.73
CA LEU B 263 7.92 7.72 17.50
C LEU B 263 8.97 8.52 16.73
N PHE B 264 9.73 7.86 15.88
CA PHE B 264 10.73 8.53 15.04
C PHE B 264 10.27 8.48 13.59
N MET B 265 9.77 9.61 13.10
CA MET B 265 9.41 9.72 11.69
C MET B 265 10.66 9.56 10.83
N SER B 266 10.49 8.92 9.67
CA SER B 266 11.54 8.93 8.64
C SER B 266 10.83 9.23 7.32
N ASN B 267 10.85 10.50 6.93
CA ASN B 267 10.14 11.01 5.78
C ASN B 267 10.85 12.29 5.34
N ASP B 268 10.26 13.01 4.40
CA ASP B 268 10.80 14.31 3.99
C ASP B 268 9.80 15.37 4.40
N LEU B 269 10.10 16.07 5.50
CA LEU B 269 9.21 17.09 6.02
C LEU B 269 9.01 18.25 5.05
N ARG B 270 9.88 18.38 4.04
CA ARG B 270 9.70 19.39 3.01
C ARG B 270 8.64 19.00 2.00
N HIS B 271 8.28 17.70 1.90
CA HIS B 271 7.32 17.19 0.91
C HIS B 271 6.45 16.14 1.61
N ILE B 272 5.41 16.61 2.29
CA ILE B 272 4.52 15.71 3.01
C ILE B 272 3.09 16.21 2.86
N SER B 273 2.18 15.29 2.58
CA SER B 273 0.81 15.68 2.33
C SER B 273 0.16 16.21 3.62
N PRO B 274 -0.82 17.11 3.49
CA PRO B 274 -1.55 17.57 4.68
C PRO B 274 -2.20 16.44 5.48
N GLN B 275 -2.68 15.39 4.80
CA GLN B 275 -3.30 14.27 5.50
C GLN B 275 -2.29 13.54 6.38
N ALA B 276 -1.11 13.23 5.82
CA ALA B 276 -0.06 12.55 6.59
C ALA B 276 0.40 13.41 7.76
N LYS B 277 0.52 14.72 7.53
CA LYS B 277 0.90 15.62 8.61
C LYS B 277 -0.12 15.61 9.74
N ALA B 278 -1.40 15.71 9.39
CA ALA B 278 -2.45 15.71 10.39
C ALA B 278 -2.47 14.42 11.18
N LEU B 279 -2.24 13.29 10.51
CA LEU B 279 -2.19 12.01 11.23
C LEU B 279 -0.99 11.97 12.18
N LEU B 280 0.21 12.30 11.68
CA LEU B 280 1.41 12.24 12.52
C LEU B 280 1.35 13.23 13.67
N GLN B 281 0.60 14.32 13.51
CA GLN B 281 0.47 15.33 14.56
C GLN B 281 -0.81 15.19 15.36
N ASP B 282 -1.50 14.05 15.22
CA ASP B 282 -2.77 13.84 15.91
C ASP B 282 -2.58 13.88 17.42
N LYS B 283 -3.13 14.91 18.07
CA LYS B 283 -2.86 15.17 19.49
C LYS B 283 -3.35 14.03 20.39
N ASP B 284 -4.54 13.50 20.12
CA ASP B 284 -5.11 12.45 20.95
C ASP B 284 -4.34 11.14 20.83
N VAL B 285 -3.92 10.80 19.60
CA VAL B 285 -3.18 9.56 19.42
C VAL B 285 -1.78 9.67 20.03
N ILE B 286 -1.12 10.82 19.84
CA ILE B 286 0.16 11.05 20.49
C ILE B 286 0.00 10.96 22.01
N ALA B 287 -1.07 11.53 22.55
CA ALA B 287 -1.33 11.44 23.98
C ALA B 287 -1.45 9.99 24.44
N ILE B 288 -2.05 9.15 23.61
CA ILE B 288 -2.07 7.72 23.95
C ILE B 288 -0.65 7.16 24.00
N ASN B 289 0.12 7.41 22.94
CA ASN B 289 1.51 6.92 22.92
C ASN B 289 2.27 7.44 24.14
N GLN B 290 2.04 8.70 24.51
CA GLN B 290 2.78 9.36 25.58
C GLN B 290 2.13 9.20 26.95
N ASP B 291 1.20 8.25 27.11
CA ASP B 291 0.48 8.10 28.38
C ASP B 291 1.46 7.90 29.54
N PRO B 292 1.33 8.66 30.63
CA PRO B 292 2.36 8.60 31.70
C PRO B 292 2.44 7.25 32.42
N LEU B 293 1.38 6.44 32.42
CA LEU B 293 1.48 5.11 33.02
C LEU B 293 2.58 4.29 32.34
N GLY B 294 2.75 4.45 31.03
CA GLY B 294 3.85 3.80 30.34
C GLY B 294 3.80 2.29 30.30
N LYS B 295 2.60 1.70 30.26
CA LYS B 295 2.44 0.26 30.10
C LYS B 295 2.11 -0.06 28.66
N GLN B 296 2.99 -0.85 28.01
CA GLN B 296 2.79 -1.24 26.62
C GLN B 296 1.53 -2.07 26.46
N GLY B 297 0.84 -1.88 25.32
CA GLY B 297 -0.31 -2.67 24.95
C GLY B 297 0.06 -4.01 24.36
N TYR B 298 -0.97 -4.74 23.91
CA TYR B 298 -0.81 -6.12 23.50
C TYR B 298 -1.98 -6.52 22.60
N GLN B 299 -1.82 -7.64 21.90
CA GLN B 299 -2.91 -8.21 21.10
C GLN B 299 -3.84 -8.98 22.02
N LEU B 300 -5.10 -8.57 22.05
CA LEU B 300 -6.11 -9.24 22.90
C LEU B 300 -6.71 -10.44 22.20
N ARG B 301 -7.05 -10.29 20.92
CA ARG B 301 -7.65 -11.36 20.15
C ARG B 301 -7.16 -11.30 18.72
N GLN B 302 -7.25 -12.43 18.05
CA GLN B 302 -7.03 -12.48 16.60
C GLN B 302 -7.83 -13.64 16.04
N GLY B 303 -8.40 -13.43 14.85
CA GLY B 303 -9.14 -14.48 14.19
C GLY B 303 -10.07 -13.94 13.12
N ASP B 304 -10.37 -14.75 12.11
CA ASP B 304 -11.24 -14.31 11.00
C ASP B 304 -10.69 -13.06 10.32
N ASN B 305 -9.36 -12.99 10.20
CA ASN B 305 -8.67 -11.83 9.63
C ASN B 305 -9.02 -10.53 10.36
N PHE B 306 -9.31 -10.62 11.65
CA PHE B 306 -9.43 -9.45 12.53
C PHE B 306 -8.37 -9.55 13.63
N GLU B 307 -7.93 -8.38 14.12
CA GLU B 307 -7.11 -8.33 15.33
C GLU B 307 -7.68 -7.28 16.28
N VAL B 308 -7.68 -7.59 17.58
CA VAL B 308 -8.03 -6.62 18.60
C VAL B 308 -6.84 -6.48 19.52
N TRP B 309 -6.33 -5.26 19.62
CA TRP B 309 -5.27 -4.89 20.54
C TRP B 309 -5.80 -3.89 21.56
N GLU B 310 -5.18 -3.84 22.74
CA GLU B 310 -5.58 -2.83 23.71
C GLU B 310 -4.38 -2.43 24.56
N ARG B 311 -4.46 -1.24 25.12
CA ARG B 311 -3.41 -0.69 25.96
C ARG B 311 -4.02 -0.01 27.18
N PRO B 312 -3.62 -0.41 28.38
CA PRO B 312 -4.09 0.29 29.58
C PRO B 312 -3.43 1.66 29.69
N LEU B 313 -4.25 2.65 30.03
CA LEU B 313 -3.81 4.04 30.16
C LEU B 313 -3.99 4.49 31.60
N SER B 314 -3.44 5.67 31.91
CA SER B 314 -3.58 6.25 33.25
C SER B 314 -5.04 6.48 33.58
N GLY B 315 -5.39 6.23 34.83
CA GLY B 315 -6.70 6.63 35.32
C GLY B 315 -7.85 5.80 34.82
N LEU B 316 -7.65 4.48 34.73
CA LEU B 316 -8.69 3.51 34.38
C LEU B 316 -9.20 3.64 32.95
N ALA B 317 -8.46 4.33 32.09
CA ALA B 317 -8.80 4.43 30.69
C ALA B 317 -8.02 3.38 29.87
N TRP B 318 -8.54 3.07 28.69
CA TRP B 318 -7.92 2.09 27.79
C TRP B 318 -7.99 2.59 26.36
N ALA B 319 -6.96 2.27 25.58
CA ALA B 319 -7.05 2.42 24.14
C ALA B 319 -7.28 1.05 23.54
N VAL B 320 -8.13 0.98 22.50
CA VAL B 320 -8.47 -0.27 21.82
C VAL B 320 -8.34 -0.06 20.32
N ALA B 321 -7.61 -0.95 19.67
CA ALA B 321 -7.42 -0.90 18.22
C ALA B 321 -7.98 -2.18 17.59
N MET B 322 -8.73 -2.01 16.51
CA MET B 322 -9.32 -3.11 15.76
C MET B 322 -8.81 -3.04 14.33
N ILE B 323 -8.09 -4.08 13.91
CA ILE B 323 -7.47 -4.15 12.59
C ILE B 323 -8.23 -5.14 11.74
N ASN B 324 -8.48 -4.76 10.48
CA ASN B 324 -9.05 -5.65 9.48
C ASN B 324 -7.91 -6.09 8.57
N ARG B 325 -7.49 -7.35 8.69
CA ARG B 325 -6.39 -7.89 7.90
C ARG B 325 -6.84 -8.54 6.60
N GLN B 326 -8.14 -8.52 6.30
CA GLN B 326 -8.64 -9.02 5.02
C GLN B 326 -8.40 -7.97 3.95
N GLU B 327 -7.63 -8.33 2.91
CA GLU B 327 -7.21 -7.34 1.91
C GLU B 327 -8.03 -7.42 0.64
N ILE B 328 -9.35 -7.56 0.79
CA ILE B 328 -10.27 -7.61 -0.34
C ILE B 328 -11.62 -7.21 0.21
N GLY B 329 -12.49 -6.69 -0.65
CA GLY B 329 -13.84 -6.33 -0.22
C GLY B 329 -13.92 -4.94 0.41
N GLY B 330 -14.90 -4.79 1.32
CA GLY B 330 -15.17 -3.50 1.90
C GLY B 330 -15.03 -3.49 3.41
N PRO B 331 -15.50 -2.42 4.06
CA PRO B 331 -15.44 -2.36 5.53
C PRO B 331 -16.20 -3.52 6.14
N ARG B 332 -15.59 -4.14 7.14
CA ARG B 332 -16.16 -5.34 7.75
C ARG B 332 -16.63 -5.03 9.16
N SER B 333 -17.78 -5.58 9.50
CA SER B 333 -18.38 -5.35 10.81
C SER B 333 -17.70 -6.21 11.87
N TYR B 334 -17.44 -5.62 13.03
CA TYR B 334 -16.91 -6.36 14.16
C TYR B 334 -17.63 -5.89 15.41
N THR B 335 -18.12 -6.83 16.22
CA THR B 335 -18.81 -6.51 17.47
C THR B 335 -18.13 -7.21 18.62
N ILE B 336 -18.08 -6.54 19.77
CA ILE B 336 -17.45 -7.14 20.94
C ILE B 336 -18.16 -6.60 22.18
N ALA B 337 -18.33 -7.45 23.18
CA ALA B 337 -18.87 -6.97 24.45
C ALA B 337 -17.85 -6.07 25.12
N VAL B 338 -18.29 -4.89 25.57
CA VAL B 338 -17.33 -3.97 26.20
C VAL B 338 -16.78 -4.56 27.49
N ALA B 339 -17.48 -5.51 28.10
CA ALA B 339 -16.93 -6.20 29.27
C ALA B 339 -15.70 -7.03 28.91
N SER B 340 -15.54 -7.42 27.64
CA SER B 340 -14.33 -8.13 27.25
C SER B 340 -13.11 -7.22 27.11
N LEU B 341 -13.31 -5.91 27.09
CA LEU B 341 -12.24 -4.96 26.86
C LEU B 341 -11.67 -4.43 28.17
N GLY B 342 -10.39 -4.08 28.14
CA GLY B 342 -9.75 -3.46 29.29
C GLY B 342 -9.82 -4.29 30.54
N LYS B 343 -9.73 -5.61 30.40
CA LYS B 343 -9.77 -6.57 31.50
C LYS B 343 -11.08 -6.51 32.28
N GLY B 344 -12.16 -6.00 31.66
CA GLY B 344 -13.42 -5.90 32.38
C GLY B 344 -13.50 -4.71 33.31
N VAL B 345 -12.47 -3.86 33.31
CA VAL B 345 -12.43 -2.72 34.22
C VAL B 345 -12.79 -1.43 33.50
N ALA B 346 -12.51 -1.39 32.19
CA ALA B 346 -12.69 -0.15 31.42
C ALA B 346 -14.11 0.36 31.52
N CYS B 347 -15.10 -0.52 31.39
CA CYS B 347 -16.48 -0.09 31.28
C CYS B 347 -17.29 -0.58 32.48
N ASN B 348 -16.65 -0.63 33.64
CA ASN B 348 -17.29 -0.99 34.91
C ASN B 348 -17.35 0.23 35.81
N PRO B 349 -18.52 0.82 36.08
CA PRO B 349 -19.85 0.38 35.63
C PRO B 349 -20.19 0.85 34.21
N ALA B 350 -19.49 1.88 33.72
CA ALA B 350 -19.71 2.30 32.35
C ALA B 350 -18.42 2.92 31.83
N CYS B 351 -18.39 3.16 30.52
CA CYS B 351 -17.28 3.90 29.91
C CYS B 351 -17.86 4.80 28.85
N PHE B 352 -17.21 5.94 28.67
CA PHE B 352 -17.46 6.79 27.52
C PHE B 352 -16.42 6.45 26.46
N ILE B 353 -16.89 6.16 25.25
CA ILE B 353 -16.04 5.71 24.16
C ILE B 353 -15.93 6.82 23.12
N THR B 354 -14.70 7.12 22.73
CA THR B 354 -14.42 8.09 21.68
C THR B 354 -13.58 7.39 20.61
N GLN B 355 -14.11 7.32 19.40
CA GLN B 355 -13.29 6.91 18.27
C GLN B 355 -12.32 8.03 17.94
N LEU B 356 -11.05 7.68 17.77
CA LEU B 356 -10.00 8.61 17.37
C LEU B 356 -9.56 8.43 15.94
N LEU B 357 -9.52 7.19 15.45
CA LEU B 357 -9.11 6.89 14.09
C LEU B 357 -10.09 5.87 13.50
N PRO B 358 -10.37 5.95 12.19
CA PRO B 358 -9.77 6.86 11.20
C PRO B 358 -10.22 8.32 11.32
N VAL B 359 -11.36 8.58 11.98
CA VAL B 359 -11.86 9.92 12.22
C VAL B 359 -12.28 10.02 13.69
N LYS B 360 -12.24 11.24 14.23
CA LYS B 360 -12.61 11.45 15.62
C LYS B 360 -14.11 11.61 15.75
N ARG B 361 -14.72 10.83 16.64
CA ARG B 361 -16.16 10.87 16.79
C ARG B 361 -16.53 10.29 18.15
N LYS B 362 -17.29 11.04 18.93
CA LYS B 362 -17.77 10.52 20.20
C LYS B 362 -18.84 9.47 19.94
N LEU B 363 -18.68 8.28 20.53
CA LEU B 363 -19.68 7.23 20.36
C LEU B 363 -20.69 7.17 21.50
N GLY B 364 -20.36 7.67 22.68
CA GLY B 364 -21.30 7.76 23.78
C GLY B 364 -20.97 6.84 24.93
N PHE B 365 -21.92 6.74 25.86
CA PHE B 365 -21.75 5.91 27.05
C PHE B 365 -22.12 4.46 26.77
N TYR B 366 -21.28 3.54 27.23
CA TYR B 366 -21.53 2.11 27.12
C TYR B 366 -21.51 1.52 28.51
N GLU B 367 -22.64 0.96 28.93
CA GLU B 367 -22.69 0.31 30.23
C GLU B 367 -21.96 -1.02 30.15
N TRP B 368 -21.61 -1.55 31.33
CA TRP B 368 -20.78 -2.75 31.40
C TRP B 368 -21.35 -3.93 30.60
N THR B 369 -22.67 -4.01 30.45
CA THR B 369 -23.29 -5.12 29.74
C THR B 369 -23.43 -4.91 28.23
N SER B 370 -23.11 -3.73 27.72
CA SER B 370 -23.41 -3.36 26.34
C SER B 370 -22.39 -3.96 25.36
N ARG B 371 -22.72 -3.87 24.07
CA ARG B 371 -21.84 -4.30 23.00
C ARG B 371 -21.45 -3.13 22.13
N LEU B 372 -20.19 -3.12 21.73
CA LEU B 372 -19.63 -2.12 20.83
C LEU B 372 -19.55 -2.71 19.42
N ARG B 373 -20.08 -1.99 18.44
CA ARG B 373 -20.07 -2.44 17.06
C ARG B 373 -19.34 -1.41 16.20
N SER B 374 -18.43 -1.88 15.35
CA SER B 374 -17.67 -0.99 14.47
C SER B 374 -17.58 -1.61 13.09
N HIS B 375 -17.15 -0.79 12.12
CA HIS B 375 -16.82 -1.24 10.78
C HIS B 375 -15.40 -0.81 10.49
N ILE B 376 -14.56 -1.75 10.07
CA ILE B 376 -13.13 -1.51 9.87
C ILE B 376 -12.76 -1.72 8.40
N ASN B 377 -12.07 -0.74 7.83
CA ASN B 377 -11.63 -0.81 6.45
C ASN B 377 -10.56 -1.88 6.27
N PRO B 378 -10.52 -2.51 5.10
CA PRO B 378 -9.42 -3.42 4.76
C PRO B 378 -8.07 -2.75 4.92
N THR B 379 -7.18 -3.41 5.68
CA THR B 379 -5.83 -2.98 6.08
C THR B 379 -5.87 -1.76 6.99
N GLY B 380 -7.04 -1.29 7.38
CA GLY B 380 -7.16 -0.16 8.28
C GLY B 380 -7.39 -0.59 9.72
N THR B 381 -7.44 0.42 10.60
CA THR B 381 -7.61 0.23 12.03
C THR B 381 -8.62 1.25 12.54
N VAL B 382 -9.50 0.81 13.43
CA VAL B 382 -10.33 1.70 14.22
C VAL B 382 -9.67 1.79 15.59
N LEU B 383 -9.33 3.01 16.00
CA LEU B 383 -8.72 3.26 17.30
C LEU B 383 -9.74 3.96 18.17
N LEU B 384 -9.95 3.46 19.39
CA LEU B 384 -10.92 3.98 20.33
C LEU B 384 -10.22 4.25 21.65
N GLN B 385 -10.73 5.25 22.37
CA GLN B 385 -10.34 5.53 23.74
C GLN B 385 -11.56 5.34 24.63
N LEU B 386 -11.39 4.54 25.67
CA LEU B 386 -12.45 4.20 26.60
C LEU B 386 -12.12 4.85 27.93
N GLU B 387 -13.06 5.61 28.47
CA GLU B 387 -12.88 6.33 29.72
C GLU B 387 -13.86 5.78 30.73
N ASN B 388 -13.33 5.23 31.81
CA ASN B 388 -14.17 4.68 32.87
C ASN B 388 -14.99 5.78 33.53
N THR B 389 -16.25 5.47 33.82
CA THR B 389 -17.14 6.48 34.40
C THR B 389 -18.33 5.82 35.09
N MET B 390 -18.75 6.44 36.20
CA MET B 390 -19.99 6.06 36.88
C MET B 390 -21.21 6.84 36.37
N GLN B 391 -21.03 7.82 35.49
CA GLN B 391 -22.17 8.54 34.94
C GLN B 391 -22.68 7.82 33.70
N MET B 392 -24.00 7.68 33.62
CA MET B 392 -24.66 7.00 32.50
C MET B 392 -24.07 5.62 32.18
C1 NAG C . -21.47 -13.78 -35.32
C2 NAG C . -21.49 -12.28 -35.04
C3 NAG C . -21.22 -11.48 -36.32
C4 NAG C . -19.97 -11.99 -37.02
C5 NAG C . -20.07 -13.50 -37.22
C6 NAG C . -18.86 -14.13 -37.86
C7 NAG C . -22.96 -11.62 -33.19
C8 NAG C . -24.36 -11.25 -32.79
N2 NAG C . -22.78 -11.90 -34.48
O3 NAG C . -21.04 -10.12 -35.97
O4 NAG C . -19.86 -11.37 -38.31
O5 NAG C . -20.26 -14.14 -35.95
O6 NAG C . -17.67 -13.87 -37.12
O7 NAG C . -22.05 -11.66 -32.38
C1 NAG C . -18.88 -10.31 -38.31
C2 NAG C . -18.36 -10.21 -39.74
C3 NAG C . -17.33 -9.09 -39.84
C4 NAG C . -17.91 -7.79 -39.30
C5 NAG C . -18.47 -7.99 -37.90
C6 NAG C . -19.18 -6.76 -37.38
C7 NAG C . -18.49 -12.30 -41.00
C8 NAG C . -17.79 -13.57 -41.35
N2 NAG C . -17.81 -11.48 -40.19
O3 NAG C . -16.96 -8.94 -41.21
O4 NAG C . -16.89 -6.79 -39.25
O5 NAG C . -19.43 -9.05 -37.90
O6 NAG C . -20.58 -7.00 -37.25
O7 NAG C . -19.59 -12.03 -41.43
C1 BMA C . -17.12 -5.87 -40.33
C2 BMA C . -16.75 -4.46 -39.87
C3 BMA C . -16.96 -3.50 -41.04
C4 BMA C . -16.29 -4.03 -42.35
C5 BMA C . -16.57 -5.53 -42.61
C6 BMA C . -15.65 -6.11 -43.69
O2 BMA C . -15.38 -4.39 -39.52
O3 BMA C . -16.47 -2.18 -40.77
O4 BMA C . -16.74 -3.27 -43.47
O5 BMA C . -16.32 -6.27 -41.41
O6 BMA C . -16.38 -7.09 -44.45
C1 MAN C . -16.89 -1.68 -39.48
C2 MAN C . -18.15 -0.80 -39.67
C3 MAN C . -18.08 0.48 -38.77
C4 MAN C . -16.75 1.25 -38.91
C5 MAN C . -15.65 0.34 -39.49
C6 MAN C . -14.23 0.80 -39.18
O2 MAN C . -19.34 -1.49 -39.32
O3 MAN C . -18.37 0.19 -37.41
O4 MAN C . -16.94 2.40 -39.73
O5 MAN C . -15.82 -0.97 -38.92
O6 MAN C . -13.33 -0.10 -39.84
C1 NAG D . -4.18 -22.98 -32.30
C2 NAG D . -3.60 -24.06 -33.20
C3 NAG D . -3.67 -23.61 -34.66
C4 NAG D . -5.08 -23.19 -35.05
C5 NAG D . -5.69 -22.22 -34.01
C6 NAG D . -7.16 -21.99 -34.22
C7 NAG D . -1.92 -25.34 -31.94
C8 NAG D . -0.45 -25.55 -31.69
N2 NAG D . -2.23 -24.39 -32.83
O3 NAG D . -3.23 -24.66 -35.51
O4 NAG D . -5.07 -22.48 -36.29
O5 NAG D . -5.53 -22.73 -32.68
O6 NAG D . -7.93 -23.12 -33.81
O7 NAG D . -2.78 -26.00 -31.36
C1 NAG D . -5.71 -23.17 -37.39
C2 NAG D . -5.77 -22.21 -38.58
C3 NAG D . -6.28 -22.93 -39.84
C4 NAG D . -5.60 -24.28 -40.05
C5 NAG D . -5.58 -25.08 -38.76
C6 NAG D . -4.80 -26.36 -38.86
C7 NAG D . -7.90 -21.09 -38.05
C8 NAG D . -8.59 -19.77 -37.87
N2 NAG D . -6.60 -21.04 -38.32
O3 NAG D . -6.08 -22.10 -40.98
O4 NAG D . -6.28 -25.01 -41.06
O5 NAG D . -4.97 -24.30 -37.72
O6 NAG D . -5.40 -27.40 -38.09
O7 NAG D . -8.53 -22.15 -37.96
C1 NAG E . 37.86 -5.74 15.58
C2 NAG E . 37.23 -6.71 16.59
C3 NAG E . 38.28 -7.23 17.56
C4 NAG E . 39.46 -7.83 16.80
C5 NAG E . 40.02 -6.80 15.83
C6 NAG E . 41.17 -7.32 14.99
C7 NAG E . 34.88 -6.49 17.32
C8 NAG E . 33.92 -5.71 18.16
N2 NAG E . 36.15 -6.06 17.33
O3 NAG E . 37.70 -8.21 18.42
O4 NAG E . 40.48 -8.20 17.73
O5 NAG E . 38.99 -6.39 14.93
O6 NAG E . 40.71 -8.17 13.95
O7 NAG E . 34.53 -7.46 16.66
C1 NAG E . 40.66 -9.64 17.67
C2 NAG E . 42.05 -9.96 18.24
C3 NAG E . 42.28 -11.48 18.24
C4 NAG E . 41.13 -12.21 18.94
C5 NAG E . 39.78 -11.77 18.34
C6 NAG E . 38.60 -12.36 19.08
C7 NAG E . 43.62 -8.12 17.85
C8 NAG E . 44.67 -7.57 16.95
N2 NAG E . 43.09 -9.29 17.49
O3 NAG E . 43.50 -11.78 18.91
O4 NAG E . 41.27 -13.61 18.77
O5 NAG E . 39.66 -10.35 18.44
O6 NAG E . 37.72 -11.34 19.55
O7 NAG E . 43.25 -7.53 18.86
C1 NAG F . 24.25 7.94 35.48
C2 NAG F . 23.20 9.01 35.21
C3 NAG F . 22.45 9.36 36.49
C4 NAG F . 21.91 8.11 37.16
C5 NAG F . 23.01 7.08 37.35
C6 NAG F . 22.49 5.77 37.89
C7 NAG F . 23.72 10.50 33.34
C8 NAG F . 24.39 11.77 32.92
N2 NAG F . 23.80 10.20 34.63
O3 NAG F . 21.38 10.22 36.15
O4 NAG F . 21.47 8.44 38.47
O5 NAG F . 23.63 6.80 36.08
O6 NAG F . 23.46 4.73 37.79
O7 NAG F . 23.14 9.77 32.54
C1 NAG F . 20.08 8.24 38.61
C2 NAG F . 19.77 8.08 40.10
C3 NAG F . 18.27 8.06 40.36
C4 NAG F . 17.58 9.23 39.66
C5 NAG F . 17.98 9.26 38.19
C6 NAG F . 17.40 10.42 37.42
C7 NAG F . 21.49 6.87 41.39
C8 NAG F . 22.07 8.22 41.69
N2 NAG F . 20.39 6.87 40.62
O3 NAG F . 18.06 8.16 41.76
O4 NAG F . 16.18 9.07 39.77
O5 NAG F . 19.40 9.36 38.09
O6 NAG F . 17.90 11.67 37.90
O7 NAG F . 21.99 5.83 41.80
C1 BMA F . 15.74 10.12 40.63
C2 BMA F . 14.28 10.24 40.35
C3 BMA F . 13.74 11.42 41.12
C4 BMA F . 14.15 11.37 42.64
C5 BMA F . 15.63 10.85 42.87
C6 BMA F . 15.87 10.32 44.29
O2 BMA F . 13.60 9.09 40.83
O3 BMA F . 12.32 11.45 40.98
O4 BMA F . 14.03 12.68 43.19
O5 BMA F . 15.94 9.79 41.98
O6 BMA F . 15.17 11.13 45.21
C1 MAN F . 11.90 12.40 39.98
C2 MAN F . 10.37 12.55 40.15
C3 MAN F . 9.72 11.21 39.80
C4 MAN F . 10.13 10.70 38.39
C5 MAN F . 11.67 10.71 38.21
C6 MAN F . 12.13 10.47 36.78
O2 MAN F . 9.82 13.54 39.28
O3 MAN F . 8.29 11.30 39.90
O4 MAN F . 9.67 9.36 38.22
O5 MAN F . 12.22 11.99 38.66
O6 MAN F . 13.35 9.69 36.79
C1 NAG G . 19.22 -11.39 33.27
C2 NAG G . 19.34 -12.53 34.28
C3 NAG G . 18.95 -12.03 35.69
C4 NAG G . 19.63 -10.71 36.04
C5 NAG G . 19.55 -9.71 34.89
C6 NAG G . 20.39 -8.45 35.07
C7 NAG G . 18.95 -14.73 33.25
C8 NAG G . 17.94 -15.80 32.96
N2 NAG G . 18.49 -13.66 33.91
O3 NAG G . 19.29 -13.02 36.65
O4 NAG G . 18.91 -10.17 37.16
O5 NAG G . 20.02 -10.32 33.68
O6 NAG G . 21.68 -8.76 35.56
O7 NAG G . 20.13 -14.83 32.90
C1 NAG G . 19.80 -9.51 38.09
C2 NAG G . 19.01 -9.06 39.35
C3 NAG G . 19.97 -8.41 40.35
C4 NAG G . 21.20 -9.27 40.59
C5 NAG G . 21.84 -9.73 39.28
C6 NAG G . 22.96 -10.71 39.47
C7 NAG G . 16.67 -8.49 38.81
C8 NAG G . 15.73 -7.39 38.44
N2 NAG G . 17.96 -8.13 38.98
O3 NAG G . 19.27 -8.21 41.58
O4 NAG G . 22.17 -8.54 41.34
O5 NAG G . 20.84 -10.39 38.48
O6 NAG G . 22.65 -11.68 40.46
O7 NAG G . 16.30 -9.65 38.93
C1 NAG H . -21.39 -31.85 -14.23
C2 NAG H . -20.12 -32.20 -15.04
C3 NAG H . -20.36 -33.46 -15.87
C4 NAG H . -20.84 -34.61 -14.99
C5 NAG H . -22.10 -34.17 -14.25
C6 NAG H . -22.64 -35.22 -13.29
C7 NAG H . -18.60 -30.39 -15.75
C8 NAG H . -18.35 -29.31 -16.75
N2 NAG H . -19.73 -31.10 -15.91
O3 NAG H . -19.15 -33.82 -16.55
O4 NAG H . -21.14 -35.75 -15.79
O5 NAG H . -21.80 -33.00 -13.46
O6 NAG H . -21.70 -35.53 -12.27
O7 NAG H . -17.82 -30.61 -14.83
CAA VNB I . -11.71 -16.16 -12.12
CAB VNB I . -15.42 -14.91 -8.54
CAC VNB I . -14.91 -13.69 -9.26
CAD VNB I . -13.50 -14.12 -9.57
CAE VNB I . -13.71 -15.55 -10.06
CAG VNB I . -16.94 -14.91 -8.57
CAK VNB I . -12.51 -16.47 -9.81
CAM VNB I . -10.36 -17.27 -10.48
NAF VNB I . -14.87 -16.05 -9.29
NAL VNB I . -11.36 -16.19 -10.69
OAH VNB I . -15.67 -13.57 -10.50
OAI VNB I . -12.93 -13.29 -10.58
OAJ VNB I . -17.41 -16.01 -7.77
S SO4 J . 20.82 3.18 -22.57
O1 SO4 J . 20.30 4.44 -22.08
O2 SO4 J . 20.95 2.24 -21.45
O3 SO4 J . 19.92 2.61 -23.56
O4 SO4 J . 22.14 3.41 -23.17
S SO4 K . 2.41 -5.62 0.00
O1 SO4 K . 2.57 -6.86 0.77
O2 SO4 K . 3.06 -4.52 0.71
O3 SO4 K . 0.98 -5.39 -0.28
O4 SO4 K . 3.13 -5.79 -1.28
S SO4 L . -10.67 -12.34 -34.32
O1 SO4 L . -11.21 -13.66 -33.98
O2 SO4 L . -11.03 -11.38 -33.26
O3 SO4 L . -9.20 -12.42 -34.43
O4 SO4 L . -11.24 -11.90 -35.60
O7 P6G M . -1.28 -12.11 -5.70
C8 P6G M . -2.51 -12.60 -6.21
C9 P6G M . -3.20 -11.53 -6.99
O10 P6G M . -2.83 -11.53 -8.36
C11 P6G M . -2.51 -12.84 -8.84
C12 P6G M . -2.08 -12.81 -10.27
O13 P6G M . -0.80 -13.39 -10.38
C14 P6G M . -0.73 -14.32 -11.44
C15 P6G M . -0.73 -15.74 -10.97
O16 P6G M . -1.74 -16.48 -11.67
C17 P6G M . -1.29 -17.74 -12.16
C18 P6G M . -2.32 -18.27 -13.12
O19 P6G M . -1.82 -18.38 -14.45
CAA VNB N . 19.50 -2.25 12.83
CAB VNB N . 21.40 1.04 9.16
CAC VNB N . 20.13 1.56 9.80
CAD VNB N . 19.47 0.25 10.22
CAE VNB N . 20.63 -0.58 10.74
CAG VNB N . 22.50 2.08 9.22
CAK VNB N . 20.40 -2.09 10.53
CAM VNB N . 19.39 -4.12 11.33
NAF VNB N . 21.79 -0.16 9.93
NAL VNB N . 19.34 -2.65 11.41
OAH VNB N . 20.49 2.29 10.98
OAI VNB N . 18.47 0.45 11.21
OAJ VNB N . 23.60 1.62 8.42
S SO4 O . -17.62 -11.22 22.96
O1 SO4 O . -18.39 -12.18 23.77
O2 SO4 O . -16.77 -10.41 23.84
O3 SO4 O . -16.78 -11.95 22.02
O4 SO4 O . -18.55 -10.37 22.23
S SO4 P . 24.96 22.37 25.06
O1 SO4 P . 24.77 23.82 25.01
O2 SO4 P . 25.11 21.94 26.46
O3 SO4 P . 26.17 22.01 24.30
O4 SO4 P . 23.79 21.72 24.49
#